data_3IVU
#
_entry.id   3IVU
#
_cell.length_a   133.798
_cell.length_b   133.798
_cell.length_c   125.657
_cell.angle_alpha   90.000
_cell.angle_beta   90.000
_cell.angle_gamma   120.000
#
_symmetry.space_group_name_H-M   'P 62'
#
loop_
_entity.id
_entity.type
_entity.pdbx_description
1 polymer 'Homocitrate synthase, mitochondrial'
2 non-polymer 'COBALT (II) ION'
3 non-polymer 'SODIUM ION'
4 non-polymer '2-OXOGLUTARIC ACID'
5 water water
#
_entity_poly.entity_id   1
_entity_poly.type   'polypeptide(L)'
_entity_poly.pdbx_seq_one_letter_code
;GAMGSMSVSEANGTETIKPPMNGNPYGPNPSDFLSRVNNFSIIESTLREGEQFANAFFDTEKKIQIAKALDNFGVDYIEL
TSPVASEQSRQDCEAICKLGLKCKILTHIRCHMDDARVAVETGVDGVDVVIGTSQYLRKYSHGKDMTYIIDSATEVINFV
KSKGIEVRFSSEDSFRSDLVDLLSLYKAVDKIGVNRVGIADTVGCATPRQVYDLIRTLRGVVSCDIECHFHNDTGMAIAN
AYCALEAGATHIDTSILGIGERNGITPLGALLARMYVTDREYITHKYKLNQLRELENLVADAVEVQIPFNNYITGMCAFT
HKAGIHAKAILANPSTYEILKPEDFGMSRYVHVGSRLTGWNAIKSRAEQLNLHLTDAQAKELTVRIKKLADVRTLAMDDV
DRVLREYHADLSDADRITKEASA
;
_entity_poly.pdbx_strand_id   A,B
#
loop_
_chem_comp.id
_chem_comp.type
_chem_comp.name
_chem_comp.formula
AKG non-polymer '2-OXOGLUTARIC ACID' 'C5 H6 O5'
CO non-polymer 'COBALT (II) ION' 'Co 2'
NA non-polymer 'SODIUM ION' 'Na 1'
#
# COMPACT_ATOMS: atom_id res chain seq x y z
N SER A 9 17.35 20.64 -34.89
CA SER A 9 17.61 19.21 -35.25
C SER A 9 19.02 19.05 -35.79
N GLU A 10 19.63 17.89 -35.51
CA GLU A 10 20.95 17.51 -36.06
C GLU A 10 21.11 15.97 -36.20
N ALA A 11 22.33 15.55 -36.54
CA ALA A 11 22.80 14.15 -36.49
C ALA A 11 22.11 13.24 -35.46
N ASN A 12 22.39 13.44 -34.16
CA ASN A 12 21.80 12.58 -33.10
C ASN A 12 20.27 12.61 -32.91
N GLY A 13 19.58 11.92 -33.82
CA GLY A 13 18.15 11.59 -33.68
C GLY A 13 17.95 10.15 -34.12
N THR A 14 16.71 9.70 -34.19
CA THR A 14 16.43 8.28 -34.50
C THR A 14 15.15 8.09 -35.33
N GLU A 15 15.03 6.96 -36.01
CA GLU A 15 13.77 6.61 -36.66
C GLU A 15 12.68 6.32 -35.59
N THR A 16 11.50 6.91 -35.76
CA THR A 16 10.37 6.77 -34.82
C THR A 16 9.95 5.30 -34.66
N ILE A 17 9.90 4.84 -33.41
CA ILE A 17 9.44 3.49 -33.07
C ILE A 17 7.92 3.48 -33.09
N LYS A 18 7.34 2.72 -34.03
CA LYS A 18 5.89 2.59 -34.17
C LYS A 18 5.54 1.09 -34.23
N PRO A 19 4.34 0.71 -33.75
CA PRO A 19 3.92 -0.69 -33.83
C PRO A 19 3.51 -1.06 -35.24
N PRO A 20 3.45 -2.37 -35.58
CA PRO A 20 2.94 -2.73 -36.91
C PRO A 20 1.42 -2.64 -36.99
N PRO A 25 -4.35 -4.01 -37.08
CA PRO A 25 -5.47 -3.32 -36.43
C PRO A 25 -5.74 -3.85 -34.99
N TYR A 26 -5.60 -2.98 -33.97
CA TYR A 26 -5.56 -3.42 -32.56
C TYR A 26 -6.86 -3.20 -31.76
N GLY A 27 -7.27 -4.24 -30.99
CA GLY A 27 -8.50 -4.24 -30.16
C GLY A 27 -8.32 -5.02 -28.86
N PRO A 28 -9.41 -5.55 -28.24
CA PRO A 28 -9.20 -6.27 -26.97
C PRO A 28 -8.71 -7.72 -27.16
N ASN A 29 -7.83 -8.16 -26.26
CA ASN A 29 -7.30 -9.53 -26.26
C ASN A 29 -8.27 -10.47 -25.58
N PRO A 30 -8.24 -11.76 -25.97
CA PRO A 30 -9.10 -12.75 -25.32
C PRO A 30 -9.04 -12.73 -23.80
N SER A 31 -7.87 -12.51 -23.21
CA SER A 31 -7.66 -12.38 -21.75
C SER A 31 -8.57 -11.34 -21.12
N ASP A 32 -8.71 -10.21 -21.78
CA ASP A 32 -9.58 -9.14 -21.29
C ASP A 32 -11.01 -9.60 -21.07
N PHE A 33 -11.47 -10.62 -21.79
CA PHE A 33 -12.83 -11.10 -21.59
C PHE A 33 -13.08 -11.73 -20.24
N LEU A 34 -12.01 -12.22 -19.62
CA LEU A 34 -12.09 -12.87 -18.34
C LEU A 34 -11.93 -11.92 -17.16
N SER A 35 -11.48 -10.69 -17.41
CA SER A 35 -11.33 -9.73 -16.33
C SER A 35 -12.66 -9.39 -15.60
N ARG A 36 -12.59 -9.23 -14.28
CA ARG A 36 -13.75 -8.81 -13.47
C ARG A 36 -13.59 -7.42 -12.83
N VAL A 37 -12.70 -6.61 -13.40
CA VAL A 37 -12.38 -5.31 -12.83
C VAL A 37 -13.58 -4.37 -12.68
N ASN A 38 -14.59 -4.45 -13.55
CA ASN A 38 -15.79 -3.64 -13.30
C ASN A 38 -17.01 -4.48 -13.06
N ASN A 39 -16.84 -5.61 -12.42
CA ASN A 39 -17.93 -6.53 -12.20
C ASN A 39 -17.53 -7.60 -11.18
N PHE A 40 -17.45 -7.20 -9.92
CA PHE A 40 -17.00 -8.08 -8.88
C PHE A 40 -17.75 -7.73 -7.62
N SER A 41 -17.60 -8.54 -6.59
CA SER A 41 -18.24 -8.29 -5.30
C SER A 41 -17.21 -8.12 -4.21
N ILE A 42 -17.44 -7.17 -3.32
CA ILE A 42 -16.65 -7.10 -2.09
C ILE A 42 -17.24 -8.05 -1.05
N ILE A 43 -16.39 -8.82 -0.38
CA ILE A 43 -16.79 -9.52 0.83
C ILE A 43 -16.11 -8.78 1.99
N GLU A 44 -16.94 -8.09 2.78
CA GLU A 44 -16.45 -7.19 3.81
C GLU A 44 -16.26 -7.92 5.13
N SER A 45 -15.02 -7.88 5.64
CA SER A 45 -14.53 -8.80 6.67
C SER A 45 -14.03 -8.07 7.92
N THR A 46 -14.46 -6.81 8.07
CA THR A 46 -14.21 -6.06 9.29
C THR A 46 -14.76 -6.84 10.51
N LEU A 47 -15.82 -7.60 10.30
CA LEU A 47 -16.38 -8.35 11.41
C LEU A 47 -15.97 -9.82 11.46
N ARG A 48 -15.03 -10.20 10.61
CA ARG A 48 -14.27 -11.41 10.89
C ARG A 48 -12.77 -11.15 11.03
N GLU A 49 -12.10 -10.87 9.91
CA GLU A 49 -10.67 -10.59 9.94
C GLU A 49 -10.36 -9.36 10.81
N GLY A 50 -11.17 -8.32 10.71
CA GLY A 50 -11.01 -7.16 11.60
C GLY A 50 -11.04 -7.44 13.09
N GLU A 51 -11.74 -8.50 13.50
CA GLU A 51 -11.72 -8.97 14.91
C GLU A 51 -10.36 -9.48 15.35
N GLN A 52 -9.50 -9.81 14.40
CA GLN A 52 -8.14 -10.19 14.74
C GLN A 52 -7.16 -9.01 14.85
N PHE A 53 -7.65 -7.80 14.66
CA PHE A 53 -6.81 -6.63 14.82
C PHE A 53 -6.46 -6.45 16.32
N ALA A 54 -5.18 -6.13 16.56
CA ALA A 54 -4.65 -5.97 17.91
C ALA A 54 -5.59 -5.24 18.85
N ASN A 55 -6.28 -4.22 18.35
CA ASN A 55 -7.11 -3.40 19.23
C ASN A 55 -8.63 -3.54 19.04
N ALA A 56 -9.05 -4.61 18.38
CA ALA A 56 -10.47 -4.84 18.13
C ALA A 56 -11.12 -5.64 19.28
N PHE A 57 -12.11 -5.04 19.94
CA PHE A 57 -12.95 -5.75 20.91
C PHE A 57 -14.46 -5.45 20.76
N PHE A 58 -15.01 -5.64 19.56
CA PHE A 58 -16.38 -5.22 19.27
C PHE A 58 -17.38 -5.94 20.14
N ASP A 59 -18.21 -5.19 20.85
CA ASP A 59 -19.40 -5.79 21.46
C ASP A 59 -20.56 -5.81 20.45
N THR A 60 -21.67 -6.43 20.83
CA THR A 60 -22.84 -6.57 19.96
C THR A 60 -23.35 -5.28 19.32
N GLU A 61 -23.52 -4.21 20.11
CA GLU A 61 -24.07 -2.97 19.59
C GLU A 61 -23.17 -2.46 18.46
N LYS A 62 -21.86 -2.52 18.70
CA LYS A 62 -20.89 -2.04 17.72
C LYS A 62 -20.84 -2.89 16.46
N LYS A 63 -20.98 -4.20 16.64
CA LYS A 63 -21.06 -5.08 15.49
C LYS A 63 -22.29 -4.73 14.69
N ILE A 64 -23.42 -4.53 15.36
CA ILE A 64 -24.67 -4.17 14.69
C ILE A 64 -24.57 -2.86 13.88
N GLN A 65 -24.04 -1.80 14.47
CA GLN A 65 -23.84 -0.57 13.72
C GLN A 65 -22.99 -0.81 12.48
N ILE A 66 -21.85 -1.50 12.65
CA ILE A 66 -20.94 -1.70 11.53
C ILE A 66 -21.65 -2.44 10.40
N ALA A 67 -22.39 -3.50 10.74
CA ALA A 67 -23.12 -4.23 9.72
C ALA A 67 -24.13 -3.34 9.01
N LYS A 68 -24.93 -2.57 9.77
CA LYS A 68 -25.93 -1.69 9.16
C LYS A 68 -25.27 -0.72 8.18
N ALA A 69 -24.10 -0.19 8.54
CA ALA A 69 -23.45 0.86 7.78
C ALA A 69 -22.80 0.29 6.52
N LEU A 70 -22.22 -0.92 6.61
CA LEU A 70 -21.71 -1.64 5.45
C LEU A 70 -22.83 -1.98 4.48
N ASP A 71 -23.97 -2.42 5.01
CA ASP A 71 -25.12 -2.72 4.17
C ASP A 71 -25.56 -1.49 3.41
N ASN A 72 -25.67 -0.37 4.12
CA ASN A 72 -26.02 0.89 3.51
C ASN A 72 -24.97 1.37 2.51
N PHE A 73 -23.71 1.17 2.82
CA PHE A 73 -22.62 1.61 1.95
C PHE A 73 -22.68 0.91 0.58
N GLY A 74 -23.21 -0.31 0.57
CA GLY A 74 -23.49 -1.03 -0.66
C GLY A 74 -22.71 -2.32 -0.88
N VAL A 75 -21.97 -2.81 0.11
CA VAL A 75 -21.22 -4.05 -0.09
C VAL A 75 -22.20 -5.21 -0.28
N ASP A 76 -21.79 -6.23 -1.02
CA ASP A 76 -22.65 -7.37 -1.36
C ASP A 76 -22.66 -8.46 -0.28
N TYR A 77 -21.55 -8.56 0.45
CA TYR A 77 -21.41 -9.55 1.50
C TYR A 77 -20.70 -8.97 2.72
N ILE A 78 -21.09 -9.48 3.90
CA ILE A 78 -20.34 -9.24 5.13
C ILE A 78 -20.05 -10.57 5.79
N GLU A 79 -18.82 -10.69 6.28
CA GLU A 79 -18.35 -11.91 6.88
C GLU A 79 -18.27 -11.75 8.39
N LEU A 80 -18.77 -12.75 9.08
CA LEU A 80 -18.72 -12.76 10.54
C LEU A 80 -17.87 -13.90 11.07
N THR A 81 -17.19 -13.61 12.18
CA THR A 81 -16.51 -14.59 13.01
C THR A 81 -17.39 -15.81 13.26
N SER A 82 -16.76 -16.98 13.28
CA SER A 82 -17.42 -18.28 13.45
C SER A 82 -18.37 -18.34 14.65
N PRO A 83 -19.60 -18.82 14.45
CA PRO A 83 -20.48 -18.92 15.60
C PRO A 83 -20.01 -19.95 16.63
N VAL A 84 -19.02 -20.78 16.30
CA VAL A 84 -18.50 -21.73 17.30
C VAL A 84 -17.30 -21.18 18.05
N ALA A 85 -16.82 -19.99 17.68
CA ALA A 85 -15.66 -19.39 18.33
C ALA A 85 -15.92 -19.15 19.79
N SER A 86 -17.14 -18.72 20.10
CA SER A 86 -17.55 -18.40 21.44
C SER A 86 -19.08 -18.21 21.45
N GLU A 87 -19.66 -18.21 22.64
CA GLU A 87 -21.09 -17.97 22.80
C GLU A 87 -21.52 -16.57 22.31
N GLN A 88 -20.75 -15.55 22.68
CA GLN A 88 -21.06 -14.18 22.28
C GLN A 88 -21.08 -14.14 20.77
N SER A 89 -20.09 -14.81 20.19
CA SER A 89 -19.99 -14.92 18.76
C SER A 89 -21.23 -15.59 18.16
N ARG A 90 -21.70 -16.71 18.73
CA ARG A 90 -22.92 -17.34 18.22
C ARG A 90 -24.10 -16.36 18.26
N GLN A 91 -24.21 -15.65 19.37
CA GLN A 91 -25.35 -14.78 19.54
C GLN A 91 -25.31 -13.60 18.57
N ASP A 92 -24.12 -13.09 18.28
CA ASP A 92 -24.00 -11.92 17.43
C ASP A 92 -24.32 -12.21 15.96
N CYS A 93 -24.05 -13.45 15.56
CA CYS A 93 -24.45 -13.96 14.27
CA CYS A 93 -24.46 -13.95 14.26
C CYS A 93 -25.98 -13.98 14.15
N GLU A 94 -26.63 -14.70 15.06
CA GLU A 94 -28.09 -14.73 15.17
C GLU A 94 -28.65 -13.30 15.11
N ALA A 95 -28.03 -12.40 15.86
CA ALA A 95 -28.51 -11.04 15.97
C ALA A 95 -28.47 -10.38 14.59
N ILE A 96 -27.35 -10.51 13.89
CA ILE A 96 -27.12 -9.81 12.64
C ILE A 96 -27.90 -10.42 11.48
N CYS A 97 -28.10 -11.73 11.53
CA CYS A 97 -28.88 -12.43 10.52
C CYS A 97 -30.36 -12.09 10.59
N LYS A 98 -30.75 -11.43 11.67
CA LYS A 98 -32.12 -11.08 11.94
C LYS A 98 -32.41 -9.61 11.66
N LEU A 99 -31.39 -8.86 11.24
CA LEU A 99 -31.56 -7.43 11.07
C LEU A 99 -32.26 -7.09 9.77
N GLY A 100 -32.35 -8.06 8.86
CA GLY A 100 -32.89 -7.81 7.54
C GLY A 100 -32.01 -6.98 6.64
N LEU A 101 -30.69 -7.15 6.69
CA LEU A 101 -29.77 -6.50 5.75
C LEU A 101 -30.06 -6.89 4.31
N LYS A 102 -29.72 -6.03 3.35
CA LYS A 102 -29.87 -6.38 1.94
C LYS A 102 -28.75 -7.30 1.52
N CYS A 103 -27.55 -7.09 2.02
CA CYS A 103 -26.41 -7.90 1.59
C CYS A 103 -26.52 -9.32 2.17
N LYS A 104 -25.75 -10.25 1.62
CA LYS A 104 -25.72 -11.61 2.12
C LYS A 104 -24.79 -11.72 3.32
N ILE A 105 -25.12 -12.58 4.26
CA ILE A 105 -24.32 -12.73 5.45
C ILE A 105 -23.65 -14.10 5.54
N LEU A 106 -22.33 -14.09 5.72
CA LEU A 106 -21.49 -15.28 5.68
C LEU A 106 -20.77 -15.47 7.00
N THR A 107 -20.49 -16.72 7.33
CA THR A 107 -19.63 -16.96 8.46
C THR A 107 -18.52 -17.93 8.07
N HIS A 108 -17.45 -17.86 8.85
CA HIS A 108 -16.23 -18.56 8.59
C HIS A 108 -16.21 -19.77 9.48
N ILE A 109 -16.00 -20.95 8.94
CA ILE A 109 -15.98 -22.16 9.77
C ILE A 109 -14.89 -23.16 9.37
N ARG A 110 -14.33 -23.84 10.36
CA ARG A 110 -13.53 -25.05 10.13
C ARG A 110 -14.50 -26.07 9.52
N CYS A 111 -13.98 -27.02 8.73
CA CYS A 111 -14.87 -27.96 8.05
C CYS A 111 -15.28 -29.10 8.94
N HIS A 112 -16.32 -28.89 9.74
CA HIS A 112 -16.85 -29.93 10.63
C HIS A 112 -18.37 -29.86 10.73
N MET A 113 -19.00 -31.04 10.78
CA MET A 113 -20.45 -31.12 10.81
C MET A 113 -21.08 -30.36 11.99
N ASP A 114 -20.38 -30.32 13.13
CA ASP A 114 -20.87 -29.57 14.29
C ASP A 114 -20.88 -28.07 13.98
N ASP A 115 -19.74 -27.53 13.55
CA ASP A 115 -19.61 -26.13 13.16
C ASP A 115 -20.64 -25.76 12.08
N ALA A 116 -20.92 -26.70 11.18
CA ALA A 116 -21.82 -26.46 10.07
C ALA A 116 -23.25 -26.37 10.55
N ARG A 117 -23.66 -27.33 11.38
CA ARG A 117 -25.00 -27.37 11.99
C ARG A 117 -25.33 -26.03 12.67
N VAL A 118 -24.44 -25.53 13.51
CA VAL A 118 -24.68 -24.26 14.24
C VAL A 118 -24.68 -23.02 13.34
N ALA A 119 -23.89 -23.05 12.26
CA ALA A 119 -23.90 -22.01 11.25
C ALA A 119 -25.27 -21.87 10.56
N VAL A 120 -25.84 -23.00 10.12
CA VAL A 120 -27.19 -23.04 9.56
C VAL A 120 -28.19 -22.55 10.60
N GLU A 121 -28.05 -23.01 11.84
CA GLU A 121 -28.97 -22.58 12.86
C GLU A 121 -29.00 -21.07 13.05
N THR A 122 -27.86 -20.41 12.94
CA THR A 122 -27.78 -18.97 13.22
C THR A 122 -28.48 -18.15 12.16
N GLY A 123 -28.66 -18.72 10.97
CA GLY A 123 -29.34 -18.05 9.88
C GLY A 123 -28.50 -17.49 8.71
N VAL A 124 -27.20 -17.81 8.64
CA VAL A 124 -26.32 -17.29 7.59
C VAL A 124 -26.86 -17.59 6.22
N ASP A 125 -26.40 -16.82 5.25
CA ASP A 125 -26.69 -17.04 3.86
C ASP A 125 -25.67 -17.96 3.27
N GLY A 126 -24.56 -18.15 3.97
CA GLY A 126 -23.44 -18.91 3.40
C GLY A 126 -22.34 -19.18 4.40
N VAL A 127 -21.64 -20.29 4.20
CA VAL A 127 -20.51 -20.65 5.03
C VAL A 127 -19.22 -20.61 4.20
N ASP A 128 -18.23 -19.91 4.71
CA ASP A 128 -16.88 -19.91 4.15
C ASP A 128 -16.15 -20.97 4.92
N VAL A 129 -15.95 -22.12 4.26
CA VAL A 129 -15.30 -23.28 4.85
C VAL A 129 -13.80 -23.36 4.55
N VAL A 130 -13.00 -23.58 5.59
CA VAL A 130 -11.58 -23.81 5.39
C VAL A 130 -11.23 -25.25 5.80
N ILE A 131 -10.53 -25.94 4.91
CA ILE A 131 -10.27 -27.36 5.10
C ILE A 131 -8.88 -27.58 5.66
N GLY A 132 -8.72 -28.65 6.42
CA GLY A 132 -7.45 -28.99 7.02
C GLY A 132 -6.83 -30.23 6.40
N THR A 133 -5.50 -30.20 6.26
CA THR A 133 -4.67 -31.28 5.70
C THR A 133 -5.18 -32.71 5.90
N SER A 134 -5.74 -33.00 7.07
CA SER A 134 -6.20 -34.36 7.36
C SER A 134 -7.50 -34.77 6.61
N GLN A 135 -8.09 -33.84 5.86
CA GLN A 135 -9.41 -34.07 5.24
C GLN A 135 -9.36 -34.38 3.74
N TYR A 136 -8.16 -34.37 3.19
CA TYR A 136 -7.96 -34.84 1.83
C TYR A 136 -6.66 -35.60 1.60
N LEU A 137 -6.73 -36.60 0.74
CA LEU A 137 -5.58 -37.45 0.49
C LEU A 137 -5.38 -37.65 -1.01
N ARG A 138 -4.12 -37.87 -1.39
CA ARG A 138 -3.78 -38.45 -2.68
C ARG A 138 -3.65 -39.96 -2.53
N LYS A 139 -4.13 -40.73 -3.51
CA LYS A 139 -3.95 -42.21 -3.55
C LYS A 139 -4.11 -42.73 -4.98
N TYR A 140 -3.42 -43.82 -5.31
CA TYR A 140 -3.63 -44.47 -6.61
C TYR A 140 -4.83 -45.40 -6.49
N SER A 141 -5.69 -45.38 -7.51
CA SER A 141 -6.84 -46.27 -7.57
C SER A 141 -7.14 -46.70 -9.00
N HIS A 142 -6.85 -47.97 -9.30
CA HIS A 142 -7.10 -48.57 -10.62
C HIS A 142 -6.83 -47.59 -11.78
N ASP A 145 -3.31 -41.90 -10.10
CA ASP A 145 -3.03 -40.83 -9.13
C ASP A 145 -4.28 -39.97 -8.94
N MET A 146 -4.92 -40.15 -7.80
CA MET A 146 -6.24 -39.60 -7.52
C MET A 146 -6.19 -38.73 -6.28
N THR A 147 -6.91 -37.61 -6.34
CA THR A 147 -7.14 -36.78 -5.14
C THR A 147 -8.61 -36.91 -4.68
N TYR A 148 -8.78 -37.13 -3.37
CA TYR A 148 -10.12 -37.23 -2.76
C TYR A 148 -10.27 -36.33 -1.55
N ILE A 149 -11.42 -35.67 -1.49
CA ILE A 149 -11.92 -35.10 -0.24
C ILE A 149 -12.62 -36.24 0.49
N ILE A 150 -12.31 -36.37 1.78
CA ILE A 150 -12.80 -37.50 2.58
C ILE A 150 -14.32 -37.53 2.75
N ASP A 151 -14.86 -38.74 2.86
CA ASP A 151 -16.30 -38.98 3.00
C ASP A 151 -17.01 -38.11 4.06
N SER A 152 -16.39 -37.99 5.23
CA SER A 152 -16.95 -37.21 6.33
C SER A 152 -16.79 -35.70 6.14
N ALA A 153 -15.77 -35.29 5.38
CA ALA A 153 -15.59 -33.87 5.02
C ALA A 153 -16.64 -33.46 3.99
N THR A 154 -16.84 -34.33 3.01
CA THR A 154 -17.80 -34.12 1.94
C THR A 154 -19.23 -34.04 2.46
N GLU A 155 -19.51 -34.74 3.56
CA GLU A 155 -20.84 -34.73 4.17
C GLU A 155 -21.22 -33.29 4.54
N VAL A 156 -20.27 -32.58 5.16
CA VAL A 156 -20.42 -31.15 5.49
C VAL A 156 -20.90 -30.29 4.29
N ILE A 157 -20.19 -30.39 3.15
CA ILE A 157 -20.58 -29.64 1.97
C ILE A 157 -22.01 -29.93 1.52
N ASN A 158 -22.37 -31.20 1.43
CA ASN A 158 -23.69 -31.57 0.97
C ASN A 158 -24.78 -31.17 1.94
N PHE A 159 -24.47 -31.31 3.24
CA PHE A 159 -25.36 -30.88 4.29
C PHE A 159 -25.74 -29.42 4.12
N VAL A 160 -24.70 -28.57 4.05
CA VAL A 160 -24.89 -27.15 3.91
C VAL A 160 -25.75 -26.89 2.67
N LYS A 161 -25.37 -27.47 1.53
CA LYS A 161 -26.16 -27.36 0.30
C LYS A 161 -27.61 -27.81 0.46
N SER A 162 -27.83 -28.88 1.22
CA SER A 162 -29.18 -29.41 1.45
C SER A 162 -30.04 -28.48 2.27
N LYS A 163 -29.43 -27.67 3.12
CA LYS A 163 -30.18 -26.67 3.89
C LYS A 163 -30.35 -25.35 3.10
N GLY A 164 -29.91 -25.36 1.84
CA GLY A 164 -30.00 -24.20 0.92
C GLY A 164 -29.02 -23.05 1.12
N ILE A 165 -27.92 -23.31 1.83
CA ILE A 165 -26.96 -22.24 2.17
C ILE A 165 -25.77 -22.30 1.22
N GLU A 166 -25.19 -21.15 0.90
CA GLU A 166 -24.08 -21.14 -0.04
C GLU A 166 -22.81 -21.74 0.55
N VAL A 167 -21.97 -22.35 -0.28
CA VAL A 167 -20.71 -22.88 0.20
C VAL A 167 -19.55 -22.28 -0.53
N ARG A 168 -18.61 -21.77 0.25
CA ARG A 168 -17.28 -21.47 -0.24
C ARG A 168 -16.29 -22.32 0.49
N PHE A 169 -15.34 -22.84 -0.28
CA PHE A 169 -14.34 -23.78 0.18
C PHE A 169 -12.98 -23.20 -0.03
N SER A 170 -12.15 -23.22 1.00
CA SER A 170 -10.77 -22.82 0.77
C SER A 170 -9.74 -23.51 1.66
N SER A 171 -8.50 -23.09 1.43
CA SER A 171 -7.27 -23.64 2.03
C SER A 171 -6.44 -22.47 2.56
N GLU A 172 -5.69 -22.70 3.63
CA GLU A 172 -4.82 -21.63 4.12
C GLU A 172 -3.47 -21.55 3.40
N ASP A 173 -2.85 -20.38 3.45
CA ASP A 173 -1.45 -20.22 3.05
C ASP A 173 -1.23 -20.74 1.61
N SER A 174 -2.19 -20.39 0.75
CA SER A 174 -2.29 -20.84 -0.65
C SER A 174 -1.07 -20.56 -1.52
N PHE A 175 -0.32 -19.52 -1.21
CA PHE A 175 0.88 -19.30 -2.01
C PHE A 175 2.08 -20.07 -1.55
N ARG A 176 1.90 -20.81 -0.46
CA ARG A 176 2.98 -21.60 0.07
C ARG A 176 2.62 -23.09 0.09
N SER A 177 1.46 -23.44 -0.47
CA SER A 177 1.06 -24.83 -0.59
C SER A 177 1.62 -25.44 -1.87
N ASP A 178 1.66 -26.75 -1.90
CA ASP A 178 2.06 -27.43 -3.12
C ASP A 178 0.94 -27.27 -4.18
N LEU A 179 1.33 -26.87 -5.40
CA LEU A 179 0.35 -26.62 -6.46
C LEU A 179 -0.46 -27.87 -6.86
N VAL A 180 0.25 -29.00 -6.97
CA VAL A 180 -0.35 -30.32 -7.15
C VAL A 180 -1.51 -30.59 -6.17
N ASP A 181 -1.28 -30.39 -4.86
CA ASP A 181 -2.34 -30.64 -3.89
C ASP A 181 -3.44 -29.62 -4.11
N LEU A 182 -3.06 -28.35 -4.16
CA LEU A 182 -4.02 -27.27 -4.15
C LEU A 182 -4.98 -27.31 -5.34
N LEU A 183 -4.44 -27.42 -6.54
CA LEU A 183 -5.28 -27.37 -7.72
C LEU A 183 -6.11 -28.64 -7.83
N SER A 184 -5.52 -29.76 -7.46
CA SER A 184 -6.23 -31.04 -7.39
C SER A 184 -7.39 -31.00 -6.41
N LEU A 185 -7.17 -30.41 -5.25
CA LEU A 185 -8.23 -30.29 -4.25
C LEU A 185 -9.38 -29.41 -4.74
N TYR A 186 -9.04 -28.24 -5.29
CA TYR A 186 -10.02 -27.32 -5.84
C TYR A 186 -10.85 -27.94 -6.93
N LYS A 187 -10.21 -28.75 -7.77
CA LYS A 187 -10.92 -29.44 -8.83
C LYS A 187 -11.91 -30.45 -8.25
N ALA A 188 -11.47 -31.22 -7.26
CA ALA A 188 -12.29 -32.27 -6.66
C ALA A 188 -13.54 -31.63 -6.10
N VAL A 189 -13.29 -30.53 -5.38
CA VAL A 189 -14.31 -29.71 -4.73
C VAL A 189 -15.35 -29.23 -5.75
N ASP A 190 -14.83 -28.68 -6.87
CA ASP A 190 -15.63 -28.26 -8.02
C ASP A 190 -16.48 -29.40 -8.56
N LYS A 191 -15.94 -30.62 -8.66
CA LYS A 191 -16.76 -31.78 -9.04
C LYS A 191 -17.90 -31.96 -8.05
N ILE A 192 -17.61 -31.95 -6.75
CA ILE A 192 -18.69 -32.04 -5.75
C ILE A 192 -19.71 -30.91 -5.95
N GLY A 193 -19.23 -29.71 -6.27
CA GLY A 193 -20.12 -28.59 -6.60
C GLY A 193 -20.29 -27.59 -5.46
N VAL A 194 -19.73 -26.41 -5.63
CA VAL A 194 -19.80 -25.35 -4.62
C VAL A 194 -19.95 -24.03 -5.31
N ASN A 195 -20.40 -23.03 -4.57
CA ASN A 195 -20.56 -21.69 -5.14
C ASN A 195 -19.22 -21.04 -5.48
N ARG A 196 -18.18 -21.34 -4.70
CA ARG A 196 -16.97 -20.54 -4.70
C ARG A 196 -15.84 -21.29 -4.06
N VAL A 197 -14.63 -21.08 -4.59
CA VAL A 197 -13.38 -21.50 -3.93
C VAL A 197 -12.55 -20.25 -3.64
N GLY A 198 -11.66 -20.35 -2.65
CA GLY A 198 -10.93 -19.21 -2.16
C GLY A 198 -9.43 -19.39 -2.15
N ILE A 199 -8.72 -18.29 -2.32
CA ILE A 199 -7.28 -18.29 -2.29
C ILE A 199 -6.97 -17.31 -1.20
N ALA A 200 -6.01 -17.64 -0.34
CA ALA A 200 -5.61 -16.72 0.71
C ALA A 200 -4.10 -16.59 0.82
N ASP A 201 -3.58 -15.37 0.74
CA ASP A 201 -2.18 -15.10 1.09
C ASP A 201 -2.13 -14.71 2.54
N THR A 202 -2.17 -15.74 3.39
CA THR A 202 -2.20 -15.64 4.84
C THR A 202 -0.99 -14.91 5.40
N VAL A 203 0.12 -15.05 4.69
CA VAL A 203 1.41 -14.67 5.24
C VAL A 203 1.91 -13.29 4.74
N GLY A 204 1.30 -12.75 3.70
CA GLY A 204 1.73 -11.49 3.09
C GLY A 204 2.93 -11.54 2.16
N CYS A 205 3.16 -12.68 1.50
CA CYS A 205 4.32 -12.80 0.62
C CYS A 205 4.06 -12.81 -0.88
N ALA A 206 2.83 -13.01 -1.31
CA ALA A 206 2.52 -13.03 -2.74
C ALA A 206 2.77 -11.70 -3.50
N THR A 207 3.11 -11.83 -4.79
CA THR A 207 3.38 -10.71 -5.67
C THR A 207 2.36 -10.69 -6.82
N PRO A 208 2.03 -9.49 -7.32
CA PRO A 208 0.93 -9.36 -8.27
C PRO A 208 0.98 -10.30 -9.50
N ARG A 209 2.15 -10.49 -10.11
CA ARG A 209 2.20 -11.37 -11.30
C ARG A 209 2.07 -12.85 -10.92
N GLN A 210 2.63 -13.20 -9.79
CA GLN A 210 2.38 -14.48 -9.17
C GLN A 210 0.86 -14.67 -8.98
N VAL A 211 0.22 -13.70 -8.33
CA VAL A 211 -1.23 -13.76 -8.18
C VAL A 211 -1.99 -13.94 -9.52
N TYR A 212 -1.62 -13.14 -10.52
CA TYR A 212 -2.26 -13.25 -11.80
C TYR A 212 -2.10 -14.65 -12.37
N ASP A 213 -0.89 -15.19 -12.38
CA ASP A 213 -0.69 -16.51 -12.94
C ASP A 213 -1.60 -17.54 -12.25
N LEU A 214 -1.56 -17.53 -10.94
CA LEU A 214 -2.29 -18.49 -10.16
C LEU A 214 -3.79 -18.34 -10.36
N ILE A 215 -4.29 -17.11 -10.41
CA ILE A 215 -5.74 -16.96 -10.54
C ILE A 215 -6.19 -17.39 -11.94
N ARG A 216 -5.45 -17.01 -12.97
CA ARG A 216 -5.78 -17.46 -14.33
C ARG A 216 -5.80 -18.97 -14.41
N THR A 217 -4.85 -19.64 -13.77
CA THR A 217 -4.85 -21.11 -13.84
C THR A 217 -6.06 -21.70 -13.12
N LEU A 218 -6.32 -21.18 -11.93
CA LEU A 218 -7.46 -21.59 -11.16
C LEU A 218 -8.76 -21.36 -11.93
N ARG A 219 -8.84 -20.19 -12.58
CA ARG A 219 -9.97 -19.89 -13.44
C ARG A 219 -10.18 -20.97 -14.54
N GLY A 220 -9.09 -21.56 -15.02
CA GLY A 220 -9.12 -22.67 -15.95
C GLY A 220 -9.46 -24.02 -15.34
N VAL A 221 -9.24 -24.18 -14.04
CA VAL A 221 -9.36 -25.51 -13.44
C VAL A 221 -10.80 -25.75 -12.98
N VAL A 222 -11.40 -24.75 -12.35
CA VAL A 222 -12.73 -24.89 -11.74
C VAL A 222 -13.73 -24.11 -12.56
N SER A 223 -15.01 -24.31 -12.27
CA SER A 223 -16.03 -23.62 -13.02
C SER A 223 -16.78 -22.63 -12.14
N CYS A 224 -16.55 -22.69 -10.83
CA CYS A 224 -17.30 -21.87 -9.88
C CYS A 224 -16.70 -20.49 -9.74
N ASP A 225 -17.15 -19.75 -8.73
CA ASP A 225 -16.61 -18.44 -8.43
C ASP A 225 -15.31 -18.53 -7.65
N ILE A 226 -14.56 -17.43 -7.64
CA ILE A 226 -13.25 -17.41 -7.05
C ILE A 226 -13.12 -16.20 -6.14
N GLU A 227 -12.75 -16.49 -4.88
CA GLU A 227 -12.61 -15.46 -3.88
C GLU A 227 -11.16 -15.36 -3.47
N CYS A 228 -10.68 -14.13 -3.25
CA CYS A 228 -9.30 -13.93 -2.85
C CYS A 228 -9.10 -13.19 -1.55
N HIS A 229 -8.08 -13.56 -0.77
CA HIS A 229 -7.81 -12.95 0.53
C HIS A 229 -6.31 -12.65 0.65
N PHE A 230 -5.98 -11.36 0.79
CA PHE A 230 -4.59 -10.94 0.72
C PHE A 230 -4.14 -10.09 1.90
N HIS A 231 -3.14 -10.56 2.63
CA HIS A 231 -2.55 -9.76 3.71
C HIS A 231 -1.51 -8.76 3.18
N ASN A 232 -1.32 -7.68 3.94
CA ASN A 232 -0.58 -6.53 3.46
C ASN A 232 0.81 -6.33 4.07
N ASP A 233 1.39 -7.38 4.59
CA ASP A 233 2.71 -7.30 5.22
C ASP A 233 3.77 -6.60 4.37
N THR A 234 3.66 -6.75 3.04
CA THR A 234 4.71 -6.24 2.16
C THR A 234 4.22 -5.19 1.19
N GLY A 235 3.03 -4.65 1.45
CA GLY A 235 2.43 -3.63 0.60
C GLY A 235 1.82 -4.16 -0.68
N MET A 236 1.51 -5.45 -0.78
CA MET A 236 0.91 -5.99 -2.02
C MET A 236 -0.59 -6.21 -1.99
N ALA A 237 -1.26 -5.99 -0.85
CA ALA A 237 -2.67 -6.40 -0.73
C ALA A 237 -3.61 -5.79 -1.77
N ILE A 238 -3.52 -4.50 -2.00
CA ILE A 238 -4.35 -3.84 -3.00
C ILE A 238 -3.93 -4.26 -4.42
N ALA A 239 -2.62 -4.30 -4.68
CA ALA A 239 -2.18 -4.66 -6.03
C ALA A 239 -2.53 -6.13 -6.34
N ASN A 240 -2.51 -6.99 -5.31
CA ASN A 240 -2.89 -8.40 -5.51
C ASN A 240 -4.37 -8.51 -5.80
N ALA A 241 -5.17 -7.67 -5.16
CA ALA A 241 -6.60 -7.73 -5.35
C ALA A 241 -6.93 -7.41 -6.81
N TYR A 242 -6.27 -6.37 -7.30
CA TYR A 242 -6.47 -5.91 -8.65
C TYR A 242 -6.10 -6.95 -9.70
N CYS A 243 -4.94 -7.58 -9.52
CA CYS A 243 -4.51 -8.57 -10.51
C CYS A 243 -5.36 -9.82 -10.43
N ALA A 244 -5.83 -10.15 -9.23
CA ALA A 244 -6.73 -11.25 -9.04
C ALA A 244 -8.02 -10.98 -9.85
N LEU A 245 -8.58 -9.77 -9.72
CA LEU A 245 -9.73 -9.34 -10.56
C LEU A 245 -9.48 -9.40 -12.08
N GLU A 246 -8.30 -8.95 -12.52
CA GLU A 246 -7.97 -9.00 -13.96
C GLU A 246 -7.96 -10.41 -14.44
N ALA A 247 -7.56 -11.34 -13.58
CA ALA A 247 -7.43 -12.75 -13.95
C ALA A 247 -8.71 -13.56 -13.84
N GLY A 248 -9.80 -12.96 -13.41
CA GLY A 248 -11.03 -13.70 -13.25
C GLY A 248 -11.63 -13.86 -11.86
N ALA A 249 -10.88 -13.48 -10.82
CA ALA A 249 -11.43 -13.55 -9.47
C ALA A 249 -12.74 -12.73 -9.43
N THR A 250 -13.70 -13.20 -8.65
CA THR A 250 -15.05 -12.64 -8.69
C THR A 250 -15.39 -11.92 -7.38
N HIS A 251 -14.69 -12.27 -6.29
CA HIS A 251 -14.93 -11.73 -4.95
C HIS A 251 -13.59 -11.37 -4.25
N ILE A 252 -13.48 -10.16 -3.70
CA ILE A 252 -12.34 -9.76 -2.91
C ILE A 252 -12.75 -9.45 -1.45
N ASP A 253 -12.06 -10.07 -0.49
CA ASP A 253 -12.18 -9.71 0.93
C ASP A 253 -11.51 -8.39 1.23
N THR A 254 -12.17 -7.55 2.02
CA THR A 254 -11.57 -6.29 2.44
C THR A 254 -11.84 -6.11 3.92
N SER A 255 -11.29 -5.04 4.48
CA SER A 255 -11.48 -4.71 5.87
C SER A 255 -11.39 -3.20 5.93
N ILE A 256 -12.24 -2.58 6.74
CA ILE A 256 -12.14 -1.13 6.88
C ILE A 256 -10.80 -0.76 7.48
N LEU A 257 -10.11 0.18 6.82
CA LEU A 257 -8.74 0.57 7.16
C LEU A 257 -7.78 -0.62 7.09
N GLY A 258 -8.21 -1.72 6.48
CA GLY A 258 -7.41 -2.90 6.34
C GLY A 258 -7.28 -3.75 7.60
N ILE A 259 -7.90 -3.34 8.71
CA ILE A 259 -7.62 -3.95 10.00
C ILE A 259 -7.77 -5.48 10.05
N GLY A 260 -6.77 -6.16 10.61
CA GLY A 260 -6.72 -7.62 10.68
C GLY A 260 -5.52 -8.10 11.49
N GLU A 261 -5.06 -9.31 11.21
CA GLU A 261 -3.79 -9.79 11.75
C GLU A 261 -2.65 -8.91 11.25
N ARG A 262 -1.75 -8.57 12.18
CA ARG A 262 -0.55 -7.80 11.86
C ARG A 262 -1.00 -6.51 11.16
N ASN A 263 -0.45 -6.17 10.00
CA ASN A 263 -0.84 -4.90 9.38
C ASN A 263 -2.08 -5.02 8.49
N GLY A 264 -2.68 -6.18 8.50
CA GLY A 264 -4.03 -6.29 7.96
C GLY A 264 -4.15 -6.80 6.54
N ILE A 265 -5.33 -6.61 5.97
CA ILE A 265 -5.63 -7.10 4.63
C ILE A 265 -5.99 -5.93 3.68
N THR A 266 -6.41 -6.25 2.47
CA THR A 266 -6.77 -5.22 1.47
C THR A 266 -7.80 -4.27 2.08
N PRO A 267 -7.47 -2.97 2.22
CA PRO A 267 -8.42 -2.05 2.84
C PRO A 267 -9.54 -1.69 1.90
N LEU A 268 -10.77 -1.67 2.42
CA LEU A 268 -11.92 -1.25 1.65
C LEU A 268 -11.71 0.06 0.89
N GLY A 269 -11.24 1.09 1.58
CA GLY A 269 -11.16 2.42 0.95
C GLY A 269 -10.19 2.37 -0.19
N ALA A 270 -9.03 1.77 0.09
CA ALA A 270 -7.94 1.67 -0.89
C ALA A 270 -8.40 0.93 -2.14
N LEU A 271 -9.03 -0.22 -1.93
CA LEU A 271 -9.58 -0.97 -3.03
C LEU A 271 -10.51 -0.09 -3.85
N LEU A 272 -11.49 0.55 -3.22
CA LEU A 272 -12.45 1.38 -3.97
C LEU A 272 -11.79 2.52 -4.76
N ALA A 273 -10.74 3.11 -4.21
CA ALA A 273 -9.97 4.10 -4.96
C ALA A 273 -9.38 3.50 -6.25
N ARG A 274 -8.76 2.33 -6.14
CA ARG A 274 -8.17 1.66 -7.28
C ARG A 274 -9.22 1.33 -8.33
N MET A 275 -10.36 0.79 -7.91
CA MET A 275 -11.40 0.40 -8.85
C MET A 275 -12.13 1.57 -9.46
N TYR A 276 -12.23 2.66 -8.68
CA TYR A 276 -12.76 3.93 -9.19
C TYR A 276 -11.99 4.45 -10.40
N VAL A 277 -10.67 4.51 -10.30
CA VAL A 277 -9.87 5.01 -11.41
C VAL A 277 -10.09 4.16 -12.65
N THR A 278 -10.11 2.85 -12.45
CA THR A 278 -10.36 1.91 -13.53
C THR A 278 -11.75 2.11 -14.17
N ASP A 279 -12.79 2.38 -13.35
CA ASP A 279 -14.14 2.64 -13.86
C ASP A 279 -14.99 3.53 -12.89
N ARG A 280 -14.92 4.84 -13.05
CA ARG A 280 -15.66 5.78 -12.21
C ARG A 280 -17.15 5.41 -12.09
N GLU A 281 -17.85 5.33 -13.22
CA GLU A 281 -19.30 5.12 -13.23
C GLU A 281 -19.72 3.88 -12.43
N TYR A 282 -19.05 2.78 -12.68
CA TYR A 282 -19.37 1.57 -11.98
C TYR A 282 -19.31 1.76 -10.45
N ILE A 283 -18.16 2.21 -9.96
CA ILE A 283 -17.93 2.36 -8.52
C ILE A 283 -18.81 3.45 -7.93
N THR A 284 -18.80 4.64 -8.52
CA THR A 284 -19.63 5.75 -8.01
C THR A 284 -21.10 5.36 -7.82
N HIS A 285 -21.63 4.52 -8.72
CA HIS A 285 -23.04 4.15 -8.64
C HIS A 285 -23.33 2.96 -7.76
N LYS A 286 -22.36 2.09 -7.56
CA LYS A 286 -22.60 0.90 -6.75
C LYS A 286 -22.48 1.17 -5.25
N TYR A 287 -21.58 2.08 -4.87
CA TYR A 287 -21.19 2.29 -3.50
C TYR A 287 -21.53 3.71 -3.10
N LYS A 288 -21.85 3.94 -1.83
CA LYS A 288 -22.06 5.31 -1.41
C LYS A 288 -20.74 5.91 -1.00
N LEU A 289 -19.93 6.29 -1.98
CA LEU A 289 -18.57 6.77 -1.70
C LEU A 289 -18.48 7.93 -0.68
N ASN A 290 -19.45 8.85 -0.69
CA ASN A 290 -19.41 9.91 0.31
C ASN A 290 -19.67 9.43 1.74
N GLN A 291 -19.82 8.13 1.93
CA GLN A 291 -19.95 7.62 3.29
C GLN A 291 -18.73 6.91 3.84
N LEU A 292 -17.70 6.82 3.03
CA LEU A 292 -16.44 6.20 3.41
C LEU A 292 -15.84 6.76 4.72
N ARG A 293 -15.72 8.07 4.84
CA ARG A 293 -15.15 8.68 6.03
C ARG A 293 -15.90 8.26 7.31
N GLU A 294 -17.22 8.37 7.30
CA GLU A 294 -18.01 8.09 8.50
C GLU A 294 -17.79 6.61 8.86
N LEU A 295 -17.71 5.78 7.82
CA LEU A 295 -17.46 4.38 7.96
C LEU A 295 -16.10 4.11 8.60
N GLU A 296 -15.05 4.69 8.05
CA GLU A 296 -13.73 4.62 8.66
C GLU A 296 -13.70 5.20 10.08
N ASN A 297 -14.33 6.33 10.31
CA ASN A 297 -14.31 6.90 11.64
C ASN A 297 -15.02 6.01 12.71
N LEU A 298 -16.12 5.37 12.32
CA LEU A 298 -16.83 4.46 13.20
C LEU A 298 -15.84 3.41 13.65
N VAL A 299 -15.12 2.80 12.70
CA VAL A 299 -14.17 1.73 13.04
C VAL A 299 -12.97 2.27 13.81
N ALA A 300 -12.42 3.40 13.35
CA ALA A 300 -11.30 4.06 14.05
C ALA A 300 -11.65 4.31 15.53
N ASP A 301 -12.89 4.68 15.79
CA ASP A 301 -13.29 4.97 17.15
C ASP A 301 -13.31 3.70 17.98
N ALA A 302 -13.83 2.62 17.41
CA ALA A 302 -14.00 1.38 18.12
C ALA A 302 -12.66 0.72 18.44
N VAL A 303 -11.74 0.71 17.48
CA VAL A 303 -10.44 0.07 17.68
C VAL A 303 -9.37 1.06 18.13
N GLU A 304 -9.78 2.30 18.35
CA GLU A 304 -8.95 3.31 19.01
C GLU A 304 -7.62 3.56 18.30
N VAL A 305 -7.72 3.85 17.00
CA VAL A 305 -6.58 4.23 16.19
C VAL A 305 -6.88 5.57 15.53
N GLN A 306 -5.85 6.23 15.00
CA GLN A 306 -6.07 7.40 14.18
C GLN A 306 -5.91 7.11 12.68
N ILE A 307 -6.78 7.71 11.87
CA ILE A 307 -6.66 7.68 10.41
C ILE A 307 -5.25 8.10 9.98
N PRO A 308 -4.46 7.17 9.39
CA PRO A 308 -3.15 7.57 8.88
C PRO A 308 -3.21 8.84 8.00
N PHE A 309 -2.18 9.69 8.13
CA PHE A 309 -2.17 10.98 7.48
C PHE A 309 -2.22 10.83 5.96
N ASN A 310 -1.64 9.74 5.47
CA ASN A 310 -1.59 9.46 4.05
C ASN A 310 -2.61 8.38 3.67
N ASN A 311 -3.56 8.08 4.55
CA ASN A 311 -4.60 7.16 4.17
C ASN A 311 -5.29 7.56 2.85
N TYR A 312 -5.60 6.57 2.03
CA TYR A 312 -6.16 6.74 0.67
C TYR A 312 -7.49 7.39 0.77
N ILE A 313 -7.77 8.30 -0.17
CA ILE A 313 -8.97 9.13 -0.14
C ILE A 313 -9.12 10.00 1.12
N THR A 314 -9.16 9.36 2.30
CA THR A 314 -9.66 10.03 3.48
C THR A 314 -8.62 10.56 4.44
N GLY A 315 -7.35 10.19 4.29
CA GLY A 315 -6.31 10.75 5.15
C GLY A 315 -5.98 12.20 4.87
N MET A 316 -5.58 12.94 5.90
CA MET A 316 -5.32 14.38 5.78
C MET A 316 -4.68 14.84 4.49
N CYS A 317 -3.72 14.08 3.96
CA CYS A 317 -2.90 14.54 2.84
CA CYS A 317 -2.93 14.58 2.84
C CYS A 317 -3.32 14.01 1.47
N ALA A 318 -4.30 13.13 1.43
CA ALA A 318 -4.69 12.53 0.16
C ALA A 318 -5.06 13.58 -0.91
N PHE A 319 -5.79 14.63 -0.53
CA PHE A 319 -6.12 15.70 -1.46
C PHE A 319 -5.41 17.02 -1.18
N THR A 320 -4.09 16.98 -1.21
CA THR A 320 -3.27 18.16 -1.05
C THR A 320 -2.38 18.36 -2.29
N HIS A 321 -2.19 19.61 -2.68
CA HIS A 321 -1.13 19.99 -3.62
C HIS A 321 -0.20 20.91 -2.88
N LYS A 322 1.10 20.75 -3.05
CA LYS A 322 2.01 21.74 -2.53
C LYS A 322 1.91 22.96 -3.42
N ALA A 323 1.93 24.12 -2.80
CA ALA A 323 2.01 25.39 -3.47
C ALA A 323 3.37 25.93 -3.05
N GLY A 324 4.08 26.61 -3.94
CA GLY A 324 5.36 27.20 -3.56
C GLY A 324 6.62 26.78 -4.30
N ILE A 325 7.76 27.07 -3.67
CA ILE A 325 9.10 26.96 -4.28
C ILE A 325 9.55 25.50 -4.40
N SER A 335 -5.23 20.16 -11.67
CA SER A 335 -6.42 19.46 -12.15
C SER A 335 -6.02 18.50 -13.21
N THR A 336 -4.76 18.56 -13.61
CA THR A 336 -4.23 17.66 -14.61
C THR A 336 -3.86 16.44 -13.85
N TYR A 337 -3.19 16.68 -12.73
CA TYR A 337 -2.75 15.63 -11.86
C TYR A 337 -3.68 15.42 -10.69
N GLU A 338 -4.90 15.01 -10.99
CA GLU A 338 -5.88 14.68 -9.95
C GLU A 338 -6.80 13.51 -10.33
N ILE A 339 -6.24 12.31 -10.34
CA ILE A 339 -6.96 11.15 -10.78
C ILE A 339 -8.20 10.85 -9.91
N LEU A 340 -8.20 11.32 -8.66
CA LEU A 340 -9.38 11.19 -7.81
C LEU A 340 -10.07 12.55 -7.70
N LYS A 341 -11.38 12.57 -7.98
CA LYS A 341 -12.16 13.78 -7.84
C LYS A 341 -12.85 13.91 -6.47
N PRO A 342 -12.48 14.96 -5.72
CA PRO A 342 -12.89 15.07 -4.32
C PRO A 342 -14.39 15.07 -4.15
N GLU A 343 -15.13 15.52 -5.17
CA GLU A 343 -16.59 15.59 -5.11
C GLU A 343 -17.21 14.23 -5.09
N ASP A 344 -16.59 13.27 -5.77
CA ASP A 344 -17.06 11.88 -5.79
C ASP A 344 -17.00 11.18 -4.43
N PHE A 345 -16.18 11.69 -3.52
CA PHE A 345 -16.07 11.09 -2.19
C PHE A 345 -16.56 12.03 -1.11
N GLY A 346 -17.48 12.92 -1.46
CA GLY A 346 -18.08 13.83 -0.51
C GLY A 346 -17.27 15.03 -0.08
N MET A 347 -16.07 15.18 -0.62
CA MET A 347 -15.26 16.35 -0.28
C MET A 347 -15.40 17.46 -1.29
N SER A 348 -14.82 18.62 -1.01
CA SER A 348 -15.08 19.77 -1.86
C SER A 348 -13.94 20.18 -2.80
N ARG A 349 -12.70 19.87 -2.44
CA ARG A 349 -11.56 20.28 -3.28
C ARG A 349 -10.23 19.72 -2.85
N TYR A 350 -9.25 19.86 -3.71
CA TYR A 350 -7.86 19.70 -3.28
C TYR A 350 -7.47 20.99 -2.53
N VAL A 351 -6.85 20.84 -1.36
CA VAL A 351 -6.29 21.96 -0.62
C VAL A 351 -4.90 22.26 -1.19
N HIS A 352 -4.59 23.55 -1.38
CA HIS A 352 -3.27 23.99 -1.85
C HIS A 352 -2.44 24.52 -0.68
N VAL A 353 -1.44 23.76 -0.27
CA VAL A 353 -0.70 24.11 0.93
C VAL A 353 0.60 24.86 0.69
N GLY A 354 0.72 26.04 1.30
CA GLY A 354 1.94 26.81 1.22
C GLY A 354 2.54 27.15 2.57
N SER A 355 1.87 26.75 3.64
CA SER A 355 2.23 27.21 4.97
C SER A 355 1.87 26.13 5.94
N ARG A 356 2.48 26.17 7.13
CA ARG A 356 2.01 25.34 8.21
C ARG A 356 0.87 26.06 8.91
N LEU A 357 -0.35 25.68 8.56
CA LEU A 357 -1.54 26.13 9.27
C LEU A 357 -1.47 25.65 10.74
N THR A 358 -1.92 26.49 11.65
CA THR A 358 -1.90 26.20 13.09
C THR A 358 -3.26 26.54 13.68
N GLY A 359 -3.62 25.88 14.78
CA GLY A 359 -4.84 26.21 15.50
C GLY A 359 -6.07 26.23 14.59
N TRP A 360 -6.91 27.25 14.72
CA TRP A 360 -8.18 27.22 14.00
C TRP A 360 -8.06 27.24 12.48
N ASN A 361 -7.06 27.95 11.96
CA ASN A 361 -6.70 27.96 10.54
C ASN A 361 -6.70 26.57 9.92
N ALA A 362 -6.05 25.64 10.62
CA ALA A 362 -5.93 24.26 10.19
C ALA A 362 -7.27 23.50 10.30
N ILE A 363 -8.02 23.79 11.36
CA ILE A 363 -9.34 23.20 11.49
C ILE A 363 -10.19 23.67 10.32
N LYS A 364 -10.20 24.98 10.09
CA LYS A 364 -11.07 25.61 9.11
C LYS A 364 -10.89 24.97 7.73
N SER A 365 -9.62 24.77 7.39
CA SER A 365 -9.22 24.29 6.10
C SER A 365 -9.77 22.88 5.88
N ARG A 366 -9.41 21.98 6.78
CA ARG A 366 -9.87 20.59 6.69
C ARG A 366 -11.40 20.45 6.76
N ALA A 367 -12.05 21.23 7.62
CA ALA A 367 -13.49 21.20 7.79
C ALA A 367 -14.21 21.63 6.53
N GLU A 368 -13.66 22.62 5.85
CA GLU A 368 -14.29 23.08 4.66
C GLU A 368 -14.04 22.06 3.58
N GLN A 369 -12.83 21.52 3.53
CA GLN A 369 -12.56 20.43 2.61
C GLN A 369 -13.52 19.23 2.83
N LEU A 370 -13.78 18.89 4.08
CA LEU A 370 -14.70 17.78 4.39
C LEU A 370 -16.19 18.12 4.32
N ASN A 371 -16.52 19.36 3.98
CA ASN A 371 -17.92 19.80 3.86
C ASN A 371 -18.71 19.81 5.15
N LEU A 372 -18.07 20.23 6.23
CA LEU A 372 -18.74 20.39 7.51
C LEU A 372 -19.08 21.87 7.69
N HIS A 373 -20.36 22.20 7.76
CA HIS A 373 -20.73 23.58 7.98
C HIS A 373 -20.83 23.78 9.49
N LEU A 374 -19.69 24.15 10.10
CA LEU A 374 -19.56 24.30 11.55
C LEU A 374 -20.18 25.59 12.10
N THR A 375 -20.80 25.49 13.29
CA THR A 375 -21.42 26.63 13.98
C THR A 375 -20.34 27.55 14.56
N ASP A 376 -20.66 28.84 14.67
CA ASP A 376 -19.81 29.79 15.40
C ASP A 376 -19.34 29.20 16.75
N ALA A 377 -20.27 28.51 17.43
CA ALA A 377 -19.99 27.83 18.72
C ALA A 377 -19.08 26.59 18.58
N GLN A 378 -19.33 25.77 17.56
CA GLN A 378 -18.57 24.54 17.36
C GLN A 378 -17.11 24.82 17.03
N ALA A 379 -16.87 25.83 16.20
CA ALA A 379 -15.52 26.31 15.92
C ALA A 379 -14.77 26.62 17.21
N LYS A 380 -15.46 27.26 18.16
CA LYS A 380 -14.85 27.60 19.42
C LYS A 380 -14.49 26.34 20.18
N GLU A 381 -15.47 25.44 20.38
CA GLU A 381 -15.23 24.17 21.09
C GLU A 381 -13.99 23.47 20.54
N LEU A 382 -13.87 23.46 19.21
CA LEU A 382 -12.73 22.86 18.54
C LEU A 382 -11.39 23.59 18.73
N THR A 383 -11.43 24.92 18.69
CA THR A 383 -10.21 25.72 18.78
C THR A 383 -9.59 25.59 20.16
N VAL A 384 -10.42 25.68 21.20
CA VAL A 384 -9.96 25.45 22.58
C VAL A 384 -9.36 24.04 22.71
N ARG A 385 -10.07 23.04 22.17
CA ARG A 385 -9.65 21.66 22.32
C ARG A 385 -8.31 21.38 21.60
N ILE A 386 -8.11 21.97 20.42
CA ILE A 386 -6.82 21.78 19.72
C ILE A 386 -5.70 22.46 20.49
N LYS A 387 -6.03 23.55 21.18
CA LYS A 387 -5.09 24.23 22.06
C LYS A 387 -4.75 23.33 23.25
N LYS A 388 -5.79 22.87 23.96
CA LYS A 388 -5.60 21.99 25.12
C LYS A 388 -4.81 20.74 24.72
N LEU A 389 -4.75 20.48 23.43
CA LEU A 389 -4.00 19.34 22.92
C LEU A 389 -2.51 19.69 22.67
N ALA A 390 -2.27 20.81 21.99
CA ALA A 390 -0.90 21.29 21.74
C ALA A 390 -0.21 21.77 23.02
N ASP A 391 -0.98 22.16 24.04
CA ASP A 391 -0.44 22.46 25.37
C ASP A 391 0.04 21.18 26.10
N VAL A 392 -0.15 20.01 25.48
CA VAL A 392 0.37 18.74 26.01
C VAL A 392 1.63 18.30 25.24
N ARG A 393 1.55 18.13 23.93
CA ARG A 393 2.75 18.03 23.11
C ARG A 393 2.55 18.66 21.74
N THR A 394 3.65 18.91 21.03
CA THR A 394 3.56 19.54 19.72
C THR A 394 2.62 18.74 18.81
N LEU A 395 1.87 19.45 17.97
CA LEU A 395 0.77 18.85 17.16
C LEU A 395 1.18 17.94 16.00
N ALA A 396 0.29 17.02 15.68
CA ALA A 396 0.40 16.25 14.46
C ALA A 396 -0.75 16.63 13.52
N MET A 397 -0.48 16.48 12.22
CA MET A 397 -1.44 16.73 11.18
C MET A 397 -2.63 15.80 11.35
N ASP A 398 -2.38 14.64 11.98
CA ASP A 398 -3.40 13.62 12.32
C ASP A 398 -4.39 14.15 13.38
N ASP A 399 -3.92 15.10 14.20
CA ASP A 399 -4.76 15.71 15.23
C ASP A 399 -5.96 16.52 14.70
N VAL A 400 -5.78 17.18 13.57
CA VAL A 400 -6.88 17.89 12.93
C VAL A 400 -8.05 16.94 12.61
N ASP A 401 -7.78 15.86 11.89
CA ASP A 401 -8.80 14.83 11.64
C ASP A 401 -9.36 14.25 12.93
N ARG A 402 -8.52 14.12 13.95
CA ARG A 402 -8.97 13.56 15.20
C ARG A 402 -10.02 14.43 15.92
N VAL A 403 -9.71 15.71 16.13
CA VAL A 403 -10.67 16.63 16.78
C VAL A 403 -11.97 16.76 16.00
N LEU A 404 -11.93 16.57 14.69
CA LEU A 404 -13.13 16.69 13.86
C LEU A 404 -13.91 15.40 13.69
N ARG A 405 -13.43 14.30 14.26
CA ARG A 405 -14.03 12.99 14.02
C ARG A 405 -15.55 12.94 14.21
N GLU A 406 -16.04 13.62 15.25
CA GLU A 406 -17.44 13.49 15.64
C GLU A 406 -18.39 14.25 14.74
N TYR A 407 -17.85 15.12 13.86
CA TYR A 407 -18.67 15.98 13.00
C TYR A 407 -18.91 15.40 11.61
N HIS A 408 -20.11 15.65 11.06
CA HIS A 408 -20.51 15.10 9.78
C HIS A 408 -20.90 16.17 8.77
N ALA A 409 -20.81 15.82 7.49
CA ALA A 409 -21.23 16.68 6.37
C ALA A 409 -22.69 17.11 6.45
N GLU B 10 -15.98 -42.04 -3.35
CA GLU B 10 -16.58 -42.34 -4.70
C GLU B 10 -16.55 -41.10 -5.62
N ALA B 11 -17.70 -40.45 -5.80
CA ALA B 11 -17.86 -39.22 -6.62
C ALA B 11 -17.19 -37.93 -6.09
N ASN B 12 -16.28 -38.07 -5.12
CA ASN B 12 -15.68 -36.91 -4.45
C ASN B 12 -14.16 -36.84 -4.69
N GLY B 13 -13.76 -37.30 -5.87
CA GLY B 13 -12.38 -37.31 -6.28
C GLY B 13 -12.20 -37.08 -7.78
N THR B 14 -11.00 -36.66 -8.14
CA THR B 14 -10.66 -36.41 -9.53
C THR B 14 -9.23 -36.91 -9.76
N GLU B 15 -8.86 -37.10 -11.02
CA GLU B 15 -7.47 -37.39 -11.35
C GLU B 15 -6.60 -36.17 -10.98
N THR B 16 -5.46 -36.44 -10.33
CA THR B 16 -4.53 -35.40 -9.85
C THR B 16 -3.93 -34.57 -10.98
N ILE B 17 -3.94 -33.25 -10.82
CA ILE B 17 -3.40 -32.34 -11.82
C ILE B 17 -1.92 -32.15 -11.53
N LYS B 18 -1.07 -32.72 -12.39
CA LYS B 18 0.38 -32.60 -12.29
C LYS B 18 0.83 -31.79 -13.52
N PRO B 19 2.02 -31.15 -13.49
CA PRO B 19 2.46 -30.55 -14.75
C PRO B 19 3.11 -31.62 -15.62
N PRO B 20 3.43 -31.31 -16.90
CA PRO B 20 4.20 -32.30 -17.65
C PRO B 20 5.69 -32.19 -17.29
N PRO B 25 11.58 -30.55 -16.60
CA PRO B 25 12.79 -29.84 -16.13
C PRO B 25 12.50 -28.34 -15.93
N TYR B 26 12.35 -27.89 -14.68
CA TYR B 26 11.72 -26.58 -14.44
C TYR B 26 12.61 -25.48 -13.83
N GLY B 27 13.75 -25.22 -14.50
CA GLY B 27 14.69 -24.15 -14.14
C GLY B 27 14.25 -22.74 -14.50
N PRO B 28 15.18 -21.76 -14.50
CA PRO B 28 14.77 -20.37 -14.72
C PRO B 28 14.40 -20.03 -16.17
N ASN B 29 13.47 -19.10 -16.34
CA ASN B 29 13.11 -18.56 -17.65
C ASN B 29 14.06 -17.47 -18.10
N PRO B 30 14.23 -17.34 -19.42
CA PRO B 30 15.05 -16.25 -19.96
C PRO B 30 14.75 -14.89 -19.32
N SER B 31 13.46 -14.57 -19.12
CA SER B 31 13.01 -13.32 -18.45
C SER B 31 13.61 -13.11 -17.08
N ASP B 32 13.69 -14.17 -16.29
CA ASP B 32 14.32 -14.10 -14.97
C ASP B 32 15.70 -13.45 -14.96
N PHE B 33 16.46 -13.59 -16.05
CA PHE B 33 17.81 -13.04 -16.11
C PHE B 33 17.84 -11.53 -16.17
N LEU B 34 16.71 -10.94 -16.51
CA LEU B 34 16.60 -9.52 -16.60
C LEU B 34 16.20 -8.92 -15.26
N SER B 35 15.73 -9.76 -14.37
CA SER B 35 15.26 -9.27 -13.10
C SER B 35 16.35 -8.62 -12.21
N ARG B 36 15.99 -7.50 -11.60
CA ARG B 36 16.92 -6.76 -10.70
C ARG B 36 16.48 -6.81 -9.23
N VAL B 37 15.67 -7.81 -8.91
CA VAL B 37 15.06 -7.85 -7.58
C VAL B 37 16.05 -8.00 -6.44
N ASN B 38 17.23 -8.53 -6.70
CA ASN B 38 18.27 -8.53 -5.66
C ASN B 38 19.55 -7.89 -6.14
N ASN B 39 19.41 -6.80 -6.87
CA ASN B 39 20.53 -6.05 -7.41
C ASN B 39 20.01 -4.77 -8.04
N PHE B 40 19.72 -3.79 -7.20
CA PHE B 40 19.15 -2.53 -7.66
C PHE B 40 19.61 -1.42 -6.71
N SER B 41 19.34 -0.17 -7.06
CA SER B 41 19.70 0.96 -6.23
C SER B 41 18.45 1.73 -5.81
N ILE B 42 18.43 2.15 -4.56
CA ILE B 42 17.41 3.11 -4.15
C ILE B 42 17.94 4.50 -4.46
N ILE B 43 17.08 5.36 -5.02
CA ILE B 43 17.34 6.79 -5.09
C ILE B 43 16.37 7.44 -4.12
N GLU B 44 16.93 8.04 -3.07
CA GLU B 44 16.12 8.48 -1.94
C GLU B 44 15.81 9.93 -2.09
N SER B 45 14.51 10.21 -2.01
CA SER B 45 13.97 11.42 -2.55
C SER B 45 13.19 12.19 -1.52
N THR B 46 13.40 11.81 -0.25
CA THR B 46 12.84 12.56 0.88
C THR B 46 13.21 14.07 0.78
N LEU B 47 14.39 14.34 0.23
CA LEU B 47 14.84 15.71 0.09
C LEU B 47 14.58 16.32 -1.28
N ARG B 48 13.83 15.62 -2.12
CA ARG B 48 13.21 16.31 -3.22
C ARG B 48 11.70 16.15 -3.22
N GLU B 49 11.21 14.95 -3.53
CA GLU B 49 9.76 14.69 -3.54
C GLU B 49 9.18 14.93 -2.15
N GLY B 50 9.94 14.61 -1.12
CA GLY B 50 9.49 14.84 0.24
C GLY B 50 9.22 16.31 0.55
N GLU B 51 9.91 17.21 -0.16
CA GLU B 51 9.70 18.64 0.04
C GLU B 51 8.36 19.10 -0.48
N GLN B 52 7.69 18.22 -1.22
CA GLN B 52 6.38 18.54 -1.74
C GLN B 52 5.26 18.00 -0.86
N PHE B 53 5.61 17.30 0.21
CA PHE B 53 4.63 16.91 1.22
C PHE B 53 4.03 18.14 1.92
N ALA B 54 2.73 18.09 2.19
CA ALA B 54 1.96 19.20 2.71
C ALA B 54 2.57 19.85 3.94
N ASN B 55 3.30 19.09 4.72
CA ASN B 55 3.86 19.64 5.93
C ASN B 55 5.37 19.60 5.99
N ALA B 56 6.02 19.59 4.85
CA ALA B 56 7.47 19.60 4.83
C ALA B 56 7.97 21.04 4.72
N PHE B 57 8.73 21.48 5.71
CA PHE B 57 9.43 22.76 5.58
C PHE B 57 10.87 22.63 6.08
N PHE B 58 11.65 21.76 5.46
CA PHE B 58 12.96 21.44 5.98
C PHE B 58 13.90 22.63 5.93
N ASP B 59 14.54 22.95 7.05
CA ASP B 59 15.64 23.92 7.01
C ASP B 59 16.99 23.19 6.79
N THR B 60 18.06 23.94 6.51
CA THR B 60 19.40 23.35 6.23
C THR B 60 19.83 22.27 7.20
N GLU B 61 19.88 22.60 8.49
CA GLU B 61 20.29 21.63 9.51
C GLU B 61 19.50 20.32 9.37
N LYS B 62 18.19 20.45 9.19
CA LYS B 62 17.33 19.27 9.09
C LYS B 62 17.59 18.48 7.80
N LYS B 63 17.82 19.21 6.71
CA LYS B 63 18.24 18.57 5.48
C LYS B 63 19.56 17.84 5.71
N ILE B 64 20.52 18.49 6.37
CA ILE B 64 21.82 17.86 6.64
C ILE B 64 21.72 16.56 7.44
N GLN B 65 20.98 16.58 8.55
CA GLN B 65 20.72 15.38 9.35
C GLN B 65 20.10 14.28 8.53
N ILE B 66 19.03 14.60 7.79
CA ILE B 66 18.34 13.56 7.04
C ILE B 66 19.31 12.92 6.04
N ALA B 67 20.12 13.77 5.39
CA ALA B 67 21.14 13.31 4.46
C ALA B 67 22.20 12.43 5.11
N LYS B 68 22.70 12.81 6.28
CA LYS B 68 23.69 11.98 6.95
C LYS B 68 23.10 10.63 7.31
N ALA B 69 21.88 10.65 7.82
CA ALA B 69 21.23 9.44 8.29
C ALA B 69 21.04 8.47 7.12
N LEU B 70 20.64 9.01 5.96
CA LEU B 70 20.40 8.19 4.76
C LEU B 70 21.69 7.57 4.25
N ASP B 71 22.74 8.37 4.19
CA ASP B 71 24.02 7.86 3.73
C ASP B 71 24.46 6.75 4.66
N ASN B 72 24.35 6.97 5.97
CA ASN B 72 24.67 5.96 6.96
C ASN B 72 23.81 4.69 6.87
N PHE B 73 22.53 4.86 6.56
CA PHE B 73 21.59 3.74 6.40
C PHE B 73 21.93 2.82 5.20
N GLY B 74 22.56 3.39 4.18
CA GLY B 74 23.07 2.57 3.11
C GLY B 74 22.57 2.83 1.71
N VAL B 75 21.65 3.80 1.53
CA VAL B 75 21.12 4.10 0.18
C VAL B 75 22.25 4.57 -0.74
N ASP B 76 22.12 4.29 -2.03
CA ASP B 76 23.17 4.60 -2.98
C ASP B 76 23.11 6.03 -3.49
N TYR B 77 21.90 6.59 -3.54
CA TYR B 77 21.71 7.97 -3.98
C TYR B 77 20.69 8.72 -3.14
N ILE B 78 20.93 10.03 -3.01
CA ILE B 78 19.95 10.95 -2.41
C ILE B 78 19.70 12.10 -3.40
N GLU B 79 18.43 12.37 -3.64
CA GLU B 79 18.04 13.35 -4.62
C GLU B 79 17.64 14.65 -3.92
N LEU B 80 18.10 15.77 -4.45
CA LEU B 80 17.76 17.05 -3.84
C LEU B 80 16.94 17.90 -4.78
N THR B 81 16.05 18.68 -4.18
CA THR B 81 15.35 19.77 -4.82
C THR B 81 16.29 20.63 -5.67
N SER B 82 15.81 21.07 -6.83
CA SER B 82 16.55 21.93 -7.74
C SER B 82 17.27 23.11 -7.06
N PRO B 83 18.52 23.40 -7.45
CA PRO B 83 19.21 24.54 -6.87
C PRO B 83 18.64 25.81 -7.42
N VAL B 84 18.05 25.71 -8.60
CA VAL B 84 17.50 26.87 -9.29
C VAL B 84 16.18 27.32 -8.65
N ALA B 85 15.57 26.45 -7.85
CA ALA B 85 14.23 26.67 -7.28
C ALA B 85 14.15 27.87 -6.38
N SER B 86 15.21 28.09 -5.60
CA SER B 86 15.32 29.22 -4.71
C SER B 86 16.77 29.31 -4.27
N GLU B 87 17.14 30.42 -3.63
CA GLU B 87 18.52 30.62 -3.22
CA GLU B 87 18.51 30.65 -3.20
C GLU B 87 18.87 29.74 -2.01
N GLN B 88 17.88 29.52 -1.14
CA GLN B 88 18.05 28.58 -0.05
C GLN B 88 18.40 27.17 -0.57
N SER B 89 17.81 26.79 -1.70
CA SER B 89 18.10 25.48 -2.31
C SER B 89 19.49 25.42 -2.88
N ARG B 90 19.89 26.44 -3.64
CA ARG B 90 21.26 26.47 -4.18
C ARG B 90 22.21 26.23 -3.01
N GLN B 91 21.98 26.94 -1.92
CA GLN B 91 22.91 26.85 -0.80
C GLN B 91 22.95 25.45 -0.15
N ASP B 92 21.78 24.92 0.19
CA ASP B 92 21.65 23.61 0.79
C ASP B 92 22.25 22.47 -0.03
N CYS B 93 22.11 22.61 -1.34
CA CYS B 93 22.73 21.73 -2.29
C CYS B 93 24.25 21.77 -2.14
N GLU B 94 24.83 22.97 -2.20
CA GLU B 94 26.25 23.15 -1.95
C GLU B 94 26.68 22.57 -0.60
N ALA B 95 25.90 22.88 0.43
CA ALA B 95 26.15 22.41 1.77
C ALA B 95 26.24 20.88 1.79
N ILE B 96 25.24 20.21 1.24
CA ILE B 96 25.17 18.76 1.31
C ILE B 96 26.23 18.08 0.44
N CYS B 97 26.56 18.72 -0.68
CA CYS B 97 27.60 18.20 -1.57
C CYS B 97 28.99 18.22 -0.93
N LYS B 98 29.11 18.97 0.16
CA LYS B 98 30.38 19.20 0.83
C LYS B 98 30.55 18.34 2.07
N LEU B 99 29.54 17.60 2.46
CA LEU B 99 29.63 16.79 3.67
C LEU B 99 30.57 15.58 3.55
N GLY B 100 30.90 15.19 2.32
CA GLY B 100 31.67 13.98 2.09
C GLY B 100 30.92 12.67 2.16
N LEU B 101 29.59 12.68 2.09
CA LEU B 101 28.78 11.45 2.02
C LEU B 101 29.35 10.38 1.07
N LYS B 102 29.11 9.10 1.36
CA LYS B 102 29.54 8.03 0.46
C LYS B 102 28.61 7.96 -0.75
N CYS B 103 27.30 7.97 -0.52
CA CYS B 103 26.33 7.87 -1.60
C CYS B 103 26.48 9.01 -2.60
N LYS B 104 26.03 8.82 -3.84
CA LYS B 104 26.02 9.87 -4.86
C LYS B 104 24.90 10.90 -4.64
N ILE B 105 25.18 12.17 -4.92
CA ILE B 105 24.17 13.20 -4.72
C ILE B 105 23.60 13.77 -6.02
N LEU B 106 22.28 13.65 -6.17
CA LEU B 106 21.57 14.08 -7.39
C LEU B 106 20.70 15.30 -7.16
N THR B 107 20.59 16.12 -8.19
CA THR B 107 19.59 17.18 -8.18
C THR B 107 18.70 17.15 -9.43
N HIS B 108 17.49 17.64 -9.23
CA HIS B 108 16.42 17.60 -10.23
C HIS B 108 16.42 18.94 -10.93
N ILE B 109 16.58 18.92 -12.26
CA ILE B 109 16.49 20.15 -13.05
C ILE B 109 15.55 20.04 -14.25
N ARG B 110 14.93 21.16 -14.61
CA ARG B 110 14.34 21.32 -15.95
C ARG B 110 15.50 21.31 -16.99
N CYS B 111 15.21 20.98 -18.23
CA CYS B 111 16.27 20.87 -19.25
C CYS B 111 16.66 22.22 -19.86
N HIS B 112 17.58 22.91 -19.18
CA HIS B 112 18.01 24.26 -19.58
C HIS B 112 19.46 24.55 -19.21
N MET B 113 20.12 25.30 -20.08
CA MET B 113 21.53 25.61 -19.88
C MET B 113 21.84 26.36 -18.57
N ASP B 114 20.90 27.17 -18.06
CA ASP B 114 21.18 27.90 -16.82
C ASP B 114 21.09 26.93 -15.65
N ASP B 115 20.00 26.17 -15.58
CA ASP B 115 19.80 25.14 -14.56
C ASP B 115 20.98 24.18 -14.42
N ALA B 116 21.59 23.80 -15.54
CA ALA B 116 22.71 22.87 -15.55
C ALA B 116 23.99 23.48 -15.01
N ARG B 117 24.31 24.70 -15.48
CA ARG B 117 25.51 25.43 -15.04
C ARG B 117 25.49 25.55 -13.52
N VAL B 118 24.33 25.93 -12.98
CA VAL B 118 24.13 26.08 -11.53
C VAL B 118 24.26 24.74 -10.82
N ALA B 119 23.65 23.72 -11.39
CA ALA B 119 23.70 22.36 -10.85
C ALA B 119 25.12 21.81 -10.70
N VAL B 120 25.95 21.95 -11.72
CA VAL B 120 27.32 21.45 -11.63
C VAL B 120 28.16 22.38 -10.76
N GLU B 121 27.81 23.66 -10.72
CA GLU B 121 28.56 24.54 -9.84
C GLU B 121 28.40 24.10 -8.39
N THR B 122 27.23 23.60 -8.02
CA THR B 122 26.96 23.18 -6.62
C THR B 122 27.72 21.92 -6.24
N GLY B 123 28.15 21.16 -7.25
CA GLY B 123 28.95 19.97 -6.99
C GLY B 123 28.23 18.64 -6.96
N VAL B 124 27.02 18.54 -7.51
CA VAL B 124 26.29 17.28 -7.54
C VAL B 124 27.06 16.22 -8.31
N ASP B 125 26.68 14.96 -8.12
CA ASP B 125 27.25 13.83 -8.83
C ASP B 125 26.48 13.53 -10.11
N GLY B 126 25.31 14.13 -10.25
CA GLY B 126 24.45 13.85 -11.40
C GLY B 126 23.23 14.73 -11.36
N VAL B 127 22.70 15.02 -12.55
CA VAL B 127 21.44 15.74 -12.67
C VAL B 127 20.33 14.83 -13.22
N ASP B 128 19.17 14.88 -12.59
CA ASP B 128 17.98 14.22 -13.11
C ASP B 128 17.22 15.25 -13.93
N VAL B 129 17.45 15.23 -15.24
CA VAL B 129 16.84 16.17 -16.19
C VAL B 129 15.44 15.75 -16.67
N VAL B 130 14.50 16.68 -16.65
CA VAL B 130 13.15 16.46 -17.16
C VAL B 130 12.94 17.29 -18.42
N ILE B 131 12.37 16.68 -19.46
CA ILE B 131 12.24 17.38 -20.76
C ILE B 131 10.82 17.89 -21.02
N GLY B 132 10.74 19.04 -21.70
CA GLY B 132 9.47 19.63 -22.06
C GLY B 132 9.15 19.44 -23.54
N THR B 133 7.85 19.29 -23.85
CA THR B 133 7.35 19.02 -25.22
C THR B 133 7.98 19.87 -26.31
N SER B 134 8.21 21.14 -26.05
CA SER B 134 8.79 22.01 -27.07
C SER B 134 10.29 21.74 -27.33
N GLN B 135 10.87 20.80 -26.57
CA GLN B 135 12.30 20.49 -26.67
C GLN B 135 12.60 19.24 -27.54
N TYR B 136 11.54 18.52 -27.91
CA TYR B 136 11.67 17.48 -28.93
C TYR B 136 10.54 17.45 -29.95
N LEU B 137 10.91 17.17 -31.20
CA LEU B 137 9.97 17.16 -32.29
C LEU B 137 9.99 15.84 -33.05
N ARG B 138 8.93 15.64 -33.83
CA ARG B 138 8.80 14.50 -34.73
C ARG B 138 8.63 15.03 -36.17
N LYS B 139 9.48 14.60 -37.11
CA LYS B 139 9.41 15.05 -38.52
C LYS B 139 9.94 14.02 -39.53
N TYR B 140 9.32 13.96 -40.71
CA TYR B 140 9.84 13.12 -41.79
C TYR B 140 11.05 13.82 -42.41
N SER B 141 12.08 13.05 -42.70
CA SER B 141 13.29 13.56 -43.33
C SER B 141 13.86 12.48 -44.24
N HIS B 142 14.02 12.83 -45.53
CA HIS B 142 14.62 11.93 -46.54
C HIS B 142 14.45 10.44 -46.24
N ASP B 145 9.29 8.11 -40.45
CA ASP B 145 9.44 9.43 -39.88
C ASP B 145 10.45 9.44 -38.73
N MET B 146 10.94 10.64 -38.43
CA MET B 146 12.11 10.83 -37.60
C MET B 146 11.74 11.60 -36.34
N THR B 147 12.42 11.26 -35.24
CA THR B 147 12.23 11.96 -33.97
C THR B 147 13.57 12.49 -33.39
N TYR B 148 13.58 13.77 -32.98
CA TYR B 148 14.81 14.47 -32.55
C TYR B 148 14.65 15.25 -31.25
N ILE B 149 15.67 15.21 -30.41
CA ILE B 149 15.86 16.21 -29.36
C ILE B 149 16.37 17.45 -30.08
N ILE B 150 15.88 18.63 -29.73
CA ILE B 150 16.38 19.83 -30.44
C ILE B 150 17.82 20.17 -30.06
N ASP B 151 18.45 21.01 -30.89
CA ASP B 151 19.85 21.40 -30.68
C ASP B 151 20.10 22.08 -29.32
N SER B 152 19.21 23.00 -28.94
CA SER B 152 19.24 23.64 -27.62
C SER B 152 19.36 22.62 -26.47
N ALA B 153 18.40 21.69 -26.42
CA ALA B 153 18.35 20.66 -25.38
C ALA B 153 19.59 19.77 -25.36
N THR B 154 19.94 19.24 -26.52
CA THR B 154 21.08 18.32 -26.62
C THR B 154 22.37 18.92 -26.07
N GLU B 155 22.60 20.21 -26.30
CA GLU B 155 23.81 20.89 -25.78
C GLU B 155 23.92 20.72 -24.26
N VAL B 156 22.80 20.88 -23.57
CA VAL B 156 22.72 20.68 -22.12
C VAL B 156 23.27 19.30 -21.67
N ILE B 157 22.75 18.23 -22.24
CA ILE B 157 23.21 16.88 -21.91
C ILE B 157 24.72 16.75 -22.13
N ASN B 158 25.20 17.26 -23.26
CA ASN B 158 26.61 17.17 -23.61
C ASN B 158 27.48 17.99 -22.67
N PHE B 159 26.97 19.17 -22.32
CA PHE B 159 27.61 20.03 -21.35
C PHE B 159 27.84 19.31 -20.04
N VAL B 160 26.77 18.70 -19.53
CA VAL B 160 26.79 18.02 -18.26
C VAL B 160 27.74 16.84 -18.36
N LYS B 161 27.63 16.06 -19.44
CA LYS B 161 28.56 14.96 -19.69
C LYS B 161 30.01 15.45 -19.70
N SER B 162 30.25 16.60 -20.32
CA SER B 162 31.61 17.14 -20.46
C SER B 162 32.16 17.65 -19.14
N LYS B 163 31.28 17.91 -18.17
CA LYS B 163 31.78 18.31 -16.86
C LYS B 163 31.97 17.11 -15.93
N GLY B 164 31.83 15.89 -16.46
CA GLY B 164 32.01 14.63 -15.69
C GLY B 164 30.82 14.17 -14.83
N ILE B 165 29.65 14.77 -15.05
CA ILE B 165 28.50 14.56 -14.18
C ILE B 165 27.52 13.61 -14.82
N GLU B 166 26.86 12.80 -14.01
CA GLU B 166 25.93 11.82 -14.55
C GLU B 166 24.65 12.48 -15.01
N VAL B 167 24.09 11.99 -16.10
CA VAL B 167 22.82 12.55 -16.54
C VAL B 167 21.78 11.46 -16.63
N ARG B 168 20.65 11.73 -15.98
CA ARG B 168 19.43 10.96 -16.21
C ARG B 168 18.40 11.85 -16.87
N PHE B 169 17.64 11.25 -17.76
CA PHE B 169 16.71 11.95 -18.62
C PHE B 169 15.33 11.39 -18.42
N SER B 170 14.37 12.28 -18.20
CA SER B 170 13.00 11.87 -18.00
C SER B 170 11.96 12.66 -18.71
N SER B 171 10.78 12.05 -18.75
CA SER B 171 9.54 12.62 -19.28
C SER B 171 8.53 12.58 -18.14
N GLU B 172 7.68 13.60 -18.03
CA GLU B 172 6.61 13.52 -17.04
C GLU B 172 5.41 12.68 -17.48
N ASP B 173 4.66 12.18 -16.50
CA ASP B 173 3.37 11.53 -16.74
C ASP B 173 3.48 10.44 -17.83
N SER B 174 4.55 9.67 -17.71
CA SER B 174 4.93 8.58 -18.60
C SER B 174 3.82 7.57 -18.96
N PHE B 175 2.87 7.34 -18.07
CA PHE B 175 1.83 6.36 -18.36
C PHE B 175 0.61 6.92 -19.05
N ARG B 176 0.66 8.20 -19.36
CA ARG B 176 -0.44 8.80 -20.08
C ARG B 176 0.05 9.50 -21.36
N SER B 177 1.32 9.27 -21.70
CA SER B 177 1.90 9.79 -22.92
C SER B 177 1.61 8.84 -24.05
N ASP B 178 1.68 9.35 -25.28
CA ASP B 178 1.69 8.50 -26.47
C ASP B 178 2.95 7.62 -26.44
N LEU B 179 2.76 6.31 -26.60
CA LEU B 179 3.87 5.38 -26.58
C LEU B 179 4.87 5.65 -27.71
N VAL B 180 4.34 5.90 -28.92
CA VAL B 180 5.13 6.33 -30.07
C VAL B 180 6.09 7.47 -29.69
N ASP B 181 5.57 8.50 -29.02
CA ASP B 181 6.38 9.62 -28.57
C ASP B 181 7.42 9.20 -27.55
N LEU B 182 6.96 8.62 -26.44
CA LEU B 182 7.83 8.31 -25.33
C LEU B 182 9.02 7.42 -25.75
N LEU B 183 8.72 6.30 -26.39
CA LEU B 183 9.75 5.33 -26.72
C LEU B 183 10.74 5.87 -27.73
N SER B 184 10.23 6.55 -28.75
CA SER B 184 11.08 7.23 -29.73
C SER B 184 12.04 8.24 -29.08
N LEU B 185 11.52 8.97 -28.09
CA LEU B 185 12.31 9.95 -27.39
C LEU B 185 13.43 9.29 -26.58
N TYR B 186 13.08 8.27 -25.79
CA TYR B 186 14.07 7.54 -24.99
C TYR B 186 15.12 6.87 -25.85
N LYS B 187 14.73 6.40 -27.04
CA LYS B 187 15.70 5.86 -27.96
C LYS B 187 16.65 6.94 -28.47
N ALA B 188 16.09 8.11 -28.77
CA ALA B 188 16.89 9.21 -29.30
C ALA B 188 17.95 9.53 -28.29
N VAL B 189 17.52 9.61 -27.03
CA VAL B 189 18.37 10.04 -25.94
C VAL B 189 19.48 9.04 -25.65
N ASP B 190 19.11 7.75 -25.75
CA ASP B 190 20.05 6.64 -25.69
C ASP B 190 21.13 6.73 -26.79
N LYS B 191 20.74 7.07 -28.04
CA LYS B 191 21.76 7.34 -29.08
C LYS B 191 22.73 8.44 -28.62
N ILE B 192 22.22 9.57 -28.15
CA ILE B 192 23.12 10.61 -27.62
C ILE B 192 24.02 10.04 -26.51
N GLY B 193 23.46 9.17 -25.66
CA GLY B 193 24.23 8.58 -24.57
C GLY B 193 24.03 9.27 -23.23
N VAL B 194 23.40 8.56 -22.30
CA VAL B 194 23.14 9.06 -20.94
C VAL B 194 23.28 7.89 -20.00
N ASN B 195 23.39 8.17 -18.70
CA ASN B 195 23.49 7.08 -17.75
C ASN B 195 22.16 6.34 -17.54
N ARG B 196 21.05 7.08 -17.50
CA ARG B 196 19.74 6.55 -17.19
C ARG B 196 18.62 7.32 -17.87
N VAL B 197 17.51 6.61 -18.11
CA VAL B 197 16.23 7.21 -18.43
C VAL B 197 15.23 6.86 -17.32
N GLY B 198 14.31 7.77 -17.02
CA GLY B 198 13.36 7.55 -15.94
C GLY B 198 11.94 7.44 -16.40
N ILE B 199 11.12 6.79 -15.60
CA ILE B 199 9.72 6.59 -15.92
C ILE B 199 9.02 7.08 -14.69
N ALA B 200 7.96 7.86 -14.87
CA ALA B 200 7.28 8.42 -13.73
C ALA B 200 5.79 8.25 -13.86
N ASP B 201 5.18 7.61 -12.85
CA ASP B 201 3.72 7.68 -12.72
C ASP B 201 3.35 8.80 -11.76
N THR B 202 3.31 10.00 -12.31
CA THR B 202 3.02 11.25 -11.62
C THR B 202 1.63 11.26 -10.97
N VAL B 203 0.71 10.60 -11.63
CA VAL B 203 -0.68 10.77 -11.33
C VAL B 203 -1.21 9.65 -10.40
N GLY B 204 -0.43 8.59 -10.24
CA GLY B 204 -0.83 7.44 -9.43
C GLY B 204 -1.86 6.52 -10.05
N CYS B 205 -1.80 6.33 -11.36
CA CYS B 205 -2.79 5.51 -12.06
C CYS B 205 -2.29 4.16 -12.64
N ALA B 206 -0.99 3.98 -12.74
CA ALA B 206 -0.41 2.76 -13.28
C ALA B 206 -0.69 1.48 -12.46
N THR B 207 -0.98 0.39 -13.18
CA THR B 207 -1.17 -0.93 -12.57
C THR B 207 0.08 -1.80 -12.80
N PRO B 208 0.36 -2.72 -11.86
CA PRO B 208 1.59 -3.54 -11.92
C PRO B 208 1.90 -4.27 -13.25
N ARG B 209 0.94 -4.99 -13.83
CA ARG B 209 1.24 -5.69 -15.08
C ARG B 209 1.46 -4.66 -16.18
N GLN B 210 0.80 -3.54 -16.06
CA GLN B 210 0.99 -2.52 -17.04
C GLN B 210 2.44 -1.97 -16.89
N VAL B 211 2.82 -1.61 -15.68
CA VAL B 211 4.23 -1.30 -15.40
C VAL B 211 5.23 -2.35 -15.93
N TYR B 212 4.94 -3.63 -15.69
CA TYR B 212 5.78 -4.69 -16.21
C TYR B 212 5.97 -4.62 -17.73
N ASP B 213 4.89 -4.52 -18.51
CA ASP B 213 5.04 -4.52 -19.96
C ASP B 213 5.89 -3.34 -20.41
N LEU B 214 5.61 -2.17 -19.84
CA LEU B 214 6.31 -0.97 -20.24
C LEU B 214 7.81 -1.02 -19.97
N ILE B 215 8.22 -1.52 -18.80
CA ILE B 215 9.66 -1.57 -18.48
C ILE B 215 10.34 -2.66 -19.30
N ARG B 216 9.71 -3.83 -19.43
CA ARG B 216 10.26 -4.87 -20.30
C ARG B 216 10.50 -4.29 -21.69
N THR B 217 9.56 -3.51 -22.22
CA THR B 217 9.76 -2.93 -23.54
C THR B 217 10.87 -1.90 -23.57
N LEU B 218 10.87 -1.02 -22.59
CA LEU B 218 11.92 -0.03 -22.50
C LEU B 218 13.31 -0.68 -22.45
N ARG B 219 13.40 -1.72 -21.60
CA ARG B 219 14.62 -2.49 -21.46
C ARG B 219 15.11 -3.02 -22.85
N GLY B 220 14.17 -3.33 -23.73
CA GLY B 220 14.48 -3.70 -25.11
C GLY B 220 14.83 -2.53 -26.00
N VAL B 221 14.31 -1.35 -25.70
CA VAL B 221 14.50 -0.21 -26.58
C VAL B 221 15.84 0.45 -26.32
N VAL B 222 16.22 0.62 -25.05
CA VAL B 222 17.44 1.36 -24.71
C VAL B 222 18.47 0.45 -24.08
N SER B 223 19.68 0.95 -23.88
CA SER B 223 20.78 0.12 -23.36
C SER B 223 21.30 0.63 -22.02
N CYS B 224 20.92 1.84 -21.64
CA CYS B 224 21.40 2.45 -20.39
C CYS B 224 20.57 1.93 -19.24
N ASP B 225 20.72 2.56 -18.09
CA ASP B 225 19.98 2.22 -16.90
C ASP B 225 18.58 2.81 -16.92
N ILE B 226 17.71 2.29 -16.04
CA ILE B 226 16.30 2.65 -16.01
C ILE B 226 15.84 2.96 -14.58
N GLU B 227 15.25 4.14 -14.42
CA GLU B 227 14.80 4.61 -13.11
C GLU B 227 13.26 4.70 -13.04
N CYS B 228 12.67 4.32 -11.90
CA CYS B 228 11.22 4.42 -11.76
C CYS B 228 10.71 5.21 -10.58
N HIS B 229 9.63 5.96 -10.82
CA HIS B 229 9.07 6.89 -9.82
C HIS B 229 7.57 6.68 -9.84
N PHE B 230 7.02 6.16 -8.73
CA PHE B 230 5.62 5.84 -8.66
C PHE B 230 4.86 6.51 -7.50
N HIS B 231 3.77 7.22 -7.83
CA HIS B 231 2.87 7.78 -6.82
C HIS B 231 1.85 6.75 -6.28
N ASN B 232 1.43 6.96 -5.03
CA ASN B 232 0.67 5.95 -4.34
C ASN B 232 -0.83 6.24 -4.16
N ASP B 233 -1.37 7.09 -5.01
CA ASP B 233 -2.80 7.41 -4.95
C ASP B 233 -3.71 6.20 -4.87
N THR B 234 -3.34 5.13 -5.56
CA THR B 234 -4.28 4.01 -5.70
C THR B 234 -3.74 2.73 -5.06
N GLY B 235 -2.73 2.92 -4.21
CA GLY B 235 -2.10 1.82 -3.48
C GLY B 235 -1.20 0.93 -4.32
N MET B 236 -0.65 1.42 -5.44
CA MET B 236 0.20 0.57 -6.28
C MET B 236 1.70 0.90 -6.21
N ALA B 237 2.10 1.93 -5.48
CA ALA B 237 3.49 2.38 -5.55
C ALA B 237 4.52 1.30 -5.26
N ILE B 238 4.32 0.53 -4.20
CA ILE B 238 5.23 -0.55 -3.82
C ILE B 238 5.16 -1.69 -4.84
N ALA B 239 3.96 -2.06 -5.25
CA ALA B 239 3.80 -3.12 -6.23
C ALA B 239 4.40 -2.76 -7.58
N ASN B 240 4.27 -1.49 -7.98
CA ASN B 240 4.79 -1.07 -9.27
C ASN B 240 6.30 -1.12 -9.25
N ALA B 241 6.89 -0.69 -8.15
CA ALA B 241 8.32 -0.73 -8.03
C ALA B 241 8.85 -2.17 -8.13
N TYR B 242 8.16 -3.07 -7.45
CA TYR B 242 8.51 -4.48 -7.52
C TYR B 242 8.53 -5.02 -8.97
N CYS B 243 7.43 -4.78 -9.70
CA CYS B 243 7.31 -5.30 -11.05
C CYS B 243 8.31 -4.65 -12.00
N ALA B 244 8.57 -3.37 -11.78
CA ALA B 244 9.59 -2.64 -12.47
C ALA B 244 10.95 -3.32 -12.29
N LEU B 245 11.34 -3.60 -11.03
CA LEU B 245 12.54 -4.41 -10.78
C LEU B 245 12.53 -5.75 -11.52
N GLU B 246 11.39 -6.45 -11.50
CA GLU B 246 11.33 -7.74 -12.22
C GLU B 246 11.61 -7.58 -13.69
N ALA B 247 11.16 -6.46 -14.27
CA ALA B 247 11.32 -6.19 -15.70
C ALA B 247 12.67 -5.62 -16.13
N GLY B 248 13.54 -5.31 -15.17
CA GLY B 248 14.83 -4.76 -15.52
C GLY B 248 15.16 -3.36 -15.05
N ALA B 249 14.17 -2.66 -14.47
CA ALA B 249 14.48 -1.38 -13.84
C ALA B 249 15.65 -1.57 -12.87
N THR B 250 16.55 -0.60 -12.84
CA THR B 250 17.77 -0.72 -12.04
C THR B 250 17.76 0.22 -10.83
N HIS B 251 16.86 1.22 -10.83
CA HIS B 251 16.78 2.23 -9.77
C HIS B 251 15.31 2.57 -9.40
N ILE B 252 15.05 2.72 -8.11
CA ILE B 252 13.72 3.10 -7.64
C ILE B 252 13.77 4.32 -6.71
N ASP B 253 12.96 5.34 -6.98
CA ASP B 253 12.84 6.45 -6.05
C ASP B 253 11.94 6.04 -4.89
N THR B 254 12.34 6.41 -3.67
CA THR B 254 11.55 6.19 -2.48
C THR B 254 11.54 7.48 -1.69
N SER B 255 10.71 7.52 -0.66
CA SER B 255 10.65 8.62 0.24
C SER B 255 10.38 8.03 1.59
N ILE B 256 10.95 8.63 2.64
CA ILE B 256 10.68 8.13 3.98
C ILE B 256 9.21 8.31 4.29
N LEU B 257 8.56 7.22 4.75
CA LEU B 257 7.12 7.20 4.96
C LEU B 257 6.34 7.51 3.68
N GLY B 258 7.04 7.50 2.54
CA GLY B 258 6.43 7.83 1.26
C GLY B 258 6.11 9.29 1.04
N ILE B 259 6.41 10.14 2.02
CA ILE B 259 5.93 11.53 1.95
C ILE B 259 6.28 12.22 0.63
N GLY B 260 5.26 12.79 0.01
CA GLY B 260 5.47 13.56 -1.22
C GLY B 260 4.23 14.33 -1.55
N GLU B 261 4.08 14.65 -2.82
CA GLU B 261 2.86 15.27 -3.29
C GLU B 261 1.67 14.34 -3.05
N ARG B 262 0.53 14.91 -2.65
CA ARG B 262 -0.65 14.12 -2.25
C ARG B 262 -0.22 13.03 -1.23
N ASN B 263 -0.71 11.79 -1.35
CA ASN B 263 -0.31 10.75 -0.38
C ASN B 263 1.05 10.11 -0.68
N GLY B 264 1.84 10.71 -1.58
CA GLY B 264 3.24 10.35 -1.67
C GLY B 264 3.65 9.30 -2.70
N ILE B 265 4.86 8.78 -2.55
CA ILE B 265 5.43 7.81 -3.48
C ILE B 265 5.85 6.49 -2.76
N THR B 266 6.52 5.58 -3.47
CA THR B 266 7.02 4.33 -2.85
C THR B 266 7.73 4.62 -1.51
N PRO B 267 7.16 4.16 -0.37
CA PRO B 267 7.86 4.39 0.90
C PRO B 267 9.09 3.54 1.07
N LEU B 268 10.16 4.15 1.57
CA LEU B 268 11.42 3.47 1.80
C LEU B 268 11.23 2.17 2.55
N GLY B 269 10.58 2.21 3.71
CA GLY B 269 10.52 1.02 4.55
C GLY B 269 9.73 -0.06 3.87
N ALA B 270 8.63 0.34 3.22
CA ALA B 270 7.73 -0.62 2.58
C ALA B 270 8.51 -1.33 1.47
N LEU B 271 9.15 -0.55 0.59
CA LEU B 271 10.03 -1.17 -0.38
C LEU B 271 10.96 -2.20 0.30
N LEU B 272 11.67 -1.80 1.35
CA LEU B 272 12.63 -2.69 1.98
C LEU B 272 11.99 -3.96 2.54
N ALA B 273 10.80 -3.83 3.14
CA ALA B 273 10.06 -5.02 3.59
C ALA B 273 9.82 -6.00 2.46
N ARG B 274 9.34 -5.50 1.33
CA ARG B 274 9.05 -6.31 0.16
C ARG B 274 10.30 -6.96 -0.41
N MET B 275 11.41 -6.22 -0.45
CA MET B 275 12.64 -6.77 -1.03
C MET B 275 13.35 -7.71 -0.08
N TYR B 276 13.17 -7.47 1.22
CA TYR B 276 13.66 -8.38 2.25
C TYR B 276 13.08 -9.79 2.06
N VAL B 277 11.76 -9.90 1.93
CA VAL B 277 11.09 -11.21 1.78
C VAL B 277 11.60 -11.92 0.55
N THR B 278 11.90 -11.14 -0.49
CA THR B 278 12.39 -11.70 -1.74
C THR B 278 13.83 -12.17 -1.65
N ASP B 279 14.69 -11.46 -0.91
CA ASP B 279 16.06 -11.93 -0.63
C ASP B 279 16.58 -11.31 0.71
N ARG B 280 16.34 -12.01 1.82
CA ARG B 280 16.79 -11.56 3.13
C ARG B 280 18.28 -11.15 3.13
N GLU B 281 19.17 -12.08 2.73
CA GLU B 281 20.62 -11.84 2.85
C GLU B 281 21.03 -10.51 2.18
N TYR B 282 20.53 -10.28 0.98
CA TYR B 282 20.89 -9.10 0.25
C TYR B 282 20.47 -7.80 0.97
N ILE B 283 19.18 -7.70 1.30
CA ILE B 283 18.66 -6.53 1.98
C ILE B 283 19.32 -6.36 3.35
N THR B 284 19.33 -7.39 4.18
CA THR B 284 19.88 -7.28 5.53
C THR B 284 21.33 -6.77 5.57
N HIS B 285 22.14 -7.20 4.61
CA HIS B 285 23.55 -6.80 4.55
C HIS B 285 23.82 -5.46 3.92
N LYS B 286 22.93 -5.02 3.03
CA LYS B 286 23.17 -3.77 2.35
C LYS B 286 22.71 -2.56 3.17
N TYR B 287 21.65 -2.74 3.94
CA TYR B 287 20.98 -1.63 4.61
C TYR B 287 21.03 -1.88 6.08
N LYS B 288 21.16 -0.82 6.88
CA LYS B 288 21.12 -0.97 8.32
C LYS B 288 19.69 -0.93 8.83
N LEU B 289 18.97 -2.03 8.63
CA LEU B 289 17.54 -2.06 8.91
C LEU B 289 17.12 -1.69 10.34
N ASN B 290 17.97 -1.95 11.34
CA ASN B 290 17.59 -1.56 12.69
C ASN B 290 17.64 -0.05 12.89
N GLN B 291 18.08 0.67 11.86
CA GLN B 291 18.17 2.14 11.86
C GLN B 291 16.89 2.76 11.31
N LEU B 292 15.99 1.92 10.82
CA LEU B 292 14.77 2.37 10.14
C LEU B 292 13.81 3.17 11.01
N ARG B 293 13.48 2.67 12.20
CA ARG B 293 12.62 3.43 13.11
CA ARG B 293 12.61 3.42 13.10
C ARG B 293 13.14 4.85 13.28
N GLU B 294 14.43 4.95 13.58
CA GLU B 294 15.11 6.23 13.82
C GLU B 294 14.95 7.16 12.65
N LEU B 295 15.06 6.58 11.46
CA LEU B 295 14.98 7.35 10.25
C LEU B 295 13.57 7.88 10.06
N GLU B 296 12.57 7.03 10.24
CA GLU B 296 11.18 7.50 10.16
C GLU B 296 10.82 8.53 11.23
N ASN B 297 11.22 8.30 12.47
CA ASN B 297 10.96 9.24 13.53
C ASN B 297 11.55 10.66 13.28
N LEU B 298 12.74 10.71 12.70
CA LEU B 298 13.38 11.99 12.45
C LEU B 298 12.54 12.75 11.45
N VAL B 299 11.99 12.05 10.44
CA VAL B 299 11.16 12.72 9.44
C VAL B 299 9.78 13.06 9.99
N ALA B 300 9.20 12.10 10.72
CA ALA B 300 7.91 12.29 11.39
C ALA B 300 7.94 13.56 12.26
N ASP B 301 9.05 13.76 12.94
CA ASP B 301 9.15 14.90 13.81
C ASP B 301 9.13 16.18 12.98
N ALA B 302 9.90 16.20 11.90
CA ALA B 302 10.06 17.40 11.11
C ALA B 302 8.78 17.77 10.40
N VAL B 303 8.05 16.78 9.90
CA VAL B 303 6.85 17.07 9.12
C VAL B 303 5.61 16.93 9.97
N GLU B 304 5.86 16.66 11.25
CA GLU B 304 4.84 16.66 12.31
C GLU B 304 3.64 15.82 11.95
N VAL B 305 3.91 14.53 11.76
CA VAL B 305 2.88 13.51 11.53
C VAL B 305 3.13 12.36 12.49
N GLN B 306 2.15 11.46 12.61
CA GLN B 306 2.30 10.23 13.38
C GLN B 306 2.59 9.06 12.43
N ILE B 307 3.49 8.18 12.83
CA ILE B 307 3.67 6.88 12.18
C ILE B 307 2.35 6.11 12.21
N PRO B 308 1.70 5.91 11.03
CA PRO B 308 0.45 5.14 10.98
C PRO B 308 0.50 3.81 11.77
N PHE B 309 -0.62 3.48 12.43
CA PHE B 309 -0.68 2.30 13.23
C PHE B 309 -0.33 1.03 12.45
N ASN B 310 -0.68 1.01 11.17
CA ASN B 310 -0.46 -0.14 10.32
C ASN B 310 0.76 0.05 9.43
N ASN B 311 1.58 1.07 9.69
CA ASN B 311 2.84 1.20 8.94
C ASN B 311 3.69 -0.09 8.87
N TYR B 312 4.25 -0.36 7.67
CA TYR B 312 5.06 -1.56 7.40
C TYR B 312 6.23 -1.63 8.32
N ILE B 313 6.52 -2.82 8.85
CA ILE B 313 7.59 -3.01 9.81
C ILE B 313 7.41 -2.21 11.11
N THR B 314 7.39 -0.89 10.98
CA THR B 314 7.60 -0.05 12.13
C THR B 314 6.36 0.45 12.83
N GLY B 315 5.17 0.25 12.26
CA GLY B 315 3.94 0.74 12.90
C GLY B 315 3.44 -0.16 14.03
N MET B 316 2.72 0.41 15.00
CA MET B 316 2.34 -0.35 16.20
C MET B 316 1.99 -1.79 15.95
N CYS B 317 1.14 -2.03 14.96
CA CYS B 317 0.52 -3.34 14.84
CA CYS B 317 0.48 -3.32 14.78
C CYS B 317 1.17 -4.26 13.83
N ALA B 318 2.25 -3.81 13.17
CA ALA B 318 2.90 -4.63 12.15
C ALA B 318 3.34 -5.98 12.72
N PHE B 319 3.95 -5.95 13.91
CA PHE B 319 4.41 -7.16 14.57
C PHE B 319 3.50 -7.60 15.74
N THR B 320 2.19 -7.70 15.50
CA THR B 320 1.25 -8.20 16.50
C THR B 320 0.46 -9.43 16.04
N HIS B 321 0.28 -10.42 16.91
CA HIS B 321 -0.65 -11.54 16.68
C HIS B 321 -1.79 -11.44 17.66
N LYS B 322 -3.01 -11.68 17.21
CA LYS B 322 -4.14 -11.72 18.13
C LYS B 322 -4.06 -13.02 18.90
N ALA B 323 -4.20 -12.90 20.21
CA ALA B 323 -4.16 -14.02 21.10
C ALA B 323 -5.59 -14.42 21.42
N GLY B 324 -5.84 -15.72 21.31
CA GLY B 324 -7.00 -16.31 21.92
C GLY B 324 -8.24 -16.56 21.08
N ILE B 325 -9.33 -15.93 21.52
CA ILE B 325 -10.67 -16.18 21.01
C ILE B 325 -10.75 -15.87 19.50
N HIS B 326 -9.87 -14.99 19.04
CA HIS B 326 -9.75 -14.71 17.60
C HIS B 326 -8.36 -15.06 17.03
N ALA B 327 -7.88 -16.27 17.31
CA ALA B 327 -6.56 -16.71 16.83
C ALA B 327 -6.67 -18.04 16.08
N SER B 335 2.57 -17.35 14.30
CA SER B 335 3.85 -17.91 14.77
C SER B 335 4.78 -18.38 13.62
N THR B 336 4.27 -19.25 12.74
CA THR B 336 4.95 -19.62 11.48
C THR B 336 4.36 -18.78 10.33
N TYR B 337 3.40 -17.92 10.67
CA TYR B 337 2.93 -16.88 9.76
C TYR B 337 3.64 -15.58 10.15
N GLU B 338 4.96 -15.59 9.98
CA GLU B 338 5.79 -14.44 10.34
C GLU B 338 6.90 -14.28 9.32
N ILE B 339 6.53 -13.73 8.17
CA ILE B 339 7.44 -13.62 7.06
C ILE B 339 8.53 -12.54 7.34
N LEU B 340 8.23 -11.59 8.22
CA LEU B 340 9.22 -10.60 8.68
C LEU B 340 9.70 -10.99 10.06
N LYS B 341 11.02 -11.16 10.20
CA LYS B 341 11.60 -11.49 11.50
C LYS B 341 12.03 -10.24 12.27
N PRO B 342 11.42 -9.99 13.45
CA PRO B 342 11.59 -8.71 14.16
C PRO B 342 13.03 -8.38 14.53
N GLU B 343 13.89 -9.38 14.67
CA GLU B 343 15.29 -9.16 15.03
C GLU B 343 16.04 -8.48 13.90
N ASP B 344 15.65 -8.79 12.66
CA ASP B 344 16.29 -8.18 11.49
C ASP B 344 16.07 -6.69 11.41
N PHE B 345 15.05 -6.18 12.10
CA PHE B 345 14.76 -4.76 12.06
C PHE B 345 14.92 -4.09 13.41
N GLY B 346 15.69 -4.70 14.31
CA GLY B 346 15.94 -4.12 15.62
C GLY B 346 14.95 -4.43 16.72
N MET B 347 13.85 -5.09 16.39
CA MET B 347 12.84 -5.40 17.41
C MET B 347 13.11 -6.74 18.08
N SER B 348 12.35 -7.05 19.13
CA SER B 348 12.62 -8.28 19.90
C SER B 348 11.65 -9.45 19.66
N ARG B 349 10.39 -9.15 19.38
CA ARG B 349 9.39 -10.19 19.26
C ARG B 349 8.14 -9.71 18.56
N TYR B 350 7.32 -10.64 18.09
CA TYR B 350 5.92 -10.31 17.85
C TYR B 350 5.25 -10.22 19.22
N VAL B 351 4.38 -9.22 19.40
CA VAL B 351 3.59 -9.08 20.59
C VAL B 351 2.33 -9.93 20.39
N HIS B 352 2.00 -10.76 21.39
CA HIS B 352 0.77 -11.53 21.40
C HIS B 352 -0.30 -10.80 22.21
N VAL B 353 -1.25 -10.18 21.50
CA VAL B 353 -2.22 -9.29 22.13
C VAL B 353 -3.53 -9.97 22.45
N GLY B 354 -3.83 -10.09 23.73
CA GLY B 354 -5.09 -10.66 24.17
C GLY B 354 -6.05 -9.67 24.80
N SER B 355 -5.58 -8.49 25.16
CA SER B 355 -6.41 -7.54 25.91
C SER B 355 -6.07 -6.15 25.50
N ARG B 356 -6.87 -5.18 25.95
CA ARG B 356 -6.58 -3.76 25.70
C ARG B 356 -5.64 -3.20 26.75
N LEU B 357 -4.35 -3.16 26.45
CA LEU B 357 -3.39 -2.60 27.42
C LEU B 357 -3.62 -1.10 27.54
N THR B 358 -3.58 -0.61 28.77
CA THR B 358 -3.78 0.82 29.06
C THR B 358 -2.56 1.36 29.79
N GLY B 359 -2.36 2.67 29.69
CA GLY B 359 -1.35 3.38 30.50
C GLY B 359 0.04 2.76 30.45
N TRP B 360 0.61 2.51 31.63
CA TRP B 360 1.97 2.01 31.71
C TRP B 360 2.12 0.67 31.00
N ASN B 361 1.13 -0.20 31.18
CA ASN B 361 1.08 -1.53 30.55
C ASN B 361 1.36 -1.49 29.05
N ALA B 362 0.76 -0.52 28.38
CA ALA B 362 0.92 -0.36 26.94
C ALA B 362 2.31 0.17 26.56
N ILE B 363 2.83 1.12 27.33
CA ILE B 363 4.18 1.59 27.12
C ILE B 363 5.19 0.43 27.27
N LYS B 364 5.00 -0.37 28.32
CA LYS B 364 5.99 -1.37 28.70
C LYS B 364 6.15 -2.39 27.58
N SER B 365 5.01 -2.76 27.01
CA SER B 365 4.93 -3.72 25.93
C SER B 365 5.65 -3.25 24.67
N ARG B 366 5.28 -2.07 24.18
CA ARG B 366 5.93 -1.50 23.01
C ARG B 366 7.44 -1.20 23.24
N ALA B 367 7.79 -0.65 24.40
CA ALA B 367 9.19 -0.35 24.71
C ALA B 367 10.01 -1.63 24.73
N GLU B 368 9.42 -2.69 25.26
CA GLU B 368 10.12 -3.95 25.32
C GLU B 368 10.24 -4.50 23.90
N GLN B 369 9.15 -4.45 23.13
CA GLN B 369 9.22 -4.89 21.74
C GLN B 369 10.32 -4.14 21.00
N LEU B 370 10.40 -2.83 21.26
CA LEU B 370 11.32 -1.93 20.57
C LEU B 370 12.73 -1.92 21.13
N ASN B 371 13.03 -2.69 22.17
CA ASN B 371 14.40 -2.74 22.72
C ASN B 371 14.92 -1.48 23.41
N LEU B 372 14.01 -0.66 23.93
CA LEU B 372 14.33 0.52 24.71
C LEU B 372 14.58 0.09 26.16
N HIS B 373 15.81 0.27 26.64
CA HIS B 373 16.06 -0.13 28.02
C HIS B 373 15.79 1.06 28.92
N LEU B 374 14.51 1.22 29.25
CA LEU B 374 14.03 2.38 29.99
C LEU B 374 14.42 2.34 31.47
N THR B 375 14.81 3.49 32.00
CA THR B 375 15.20 3.60 33.41
C THR B 375 13.97 3.87 34.28
N ASP B 376 14.12 3.67 35.59
CA ASP B 376 13.06 3.92 36.58
C ASP B 376 12.33 5.26 36.40
N ALA B 377 13.11 6.34 36.24
CA ALA B 377 12.57 7.70 36.10
C ALA B 377 11.89 7.93 34.75
N GLN B 378 12.47 7.35 33.71
CA GLN B 378 11.96 7.48 32.36
C GLN B 378 10.56 6.86 32.25
N ALA B 379 10.41 5.67 32.81
CA ALA B 379 9.11 5.01 32.92
C ALA B 379 8.06 5.93 33.53
N LYS B 380 8.45 6.65 34.59
CA LYS B 380 7.59 7.61 35.27
C LYS B 380 7.29 8.78 34.34
N GLU B 381 8.34 9.48 33.89
CA GLU B 381 8.17 10.60 32.95
C GLU B 381 7.16 10.23 31.86
N LEU B 382 7.30 9.02 31.30
CA LEU B 382 6.40 8.53 30.25
C LEU B 382 4.99 8.24 30.75
N THR B 383 4.92 7.51 31.86
CA THR B 383 3.65 7.07 32.40
C THR B 383 2.82 8.30 32.76
N VAL B 384 3.45 9.32 33.35
CA VAL B 384 2.78 10.57 33.71
C VAL B 384 2.27 11.29 32.47
N ARG B 385 3.13 11.38 31.44
CA ARG B 385 2.77 12.08 30.23
C ARG B 385 1.60 11.39 29.54
N ILE B 386 1.62 10.04 29.51
CA ILE B 386 0.54 9.30 28.82
C ILE B 386 -0.80 9.54 29.50
N LYS B 387 -0.76 9.71 30.82
CA LYS B 387 -1.94 10.07 31.60
C LYS B 387 -2.43 11.46 31.16
N LYS B 388 -1.56 12.47 31.22
CA LYS B 388 -1.93 13.85 30.85
C LYS B 388 -2.53 13.91 29.44
N LEU B 389 -2.26 12.88 28.65
CA LEU B 389 -2.77 12.82 27.28
C LEU B 389 -4.22 12.31 27.24
N ALA B 390 -4.45 11.17 27.90
CA ALA B 390 -5.78 10.58 28.00
C ALA B 390 -6.74 11.55 28.70
N ASP B 391 -6.19 12.39 29.58
CA ASP B 391 -6.91 13.50 30.16
C ASP B 391 -7.62 14.39 29.13
N VAL B 392 -7.00 14.57 27.96
CA VAL B 392 -7.58 15.40 26.89
C VAL B 392 -8.63 14.62 26.08
N ARG B 393 -8.22 13.49 25.49
CA ARG B 393 -9.19 12.58 24.89
C ARG B 393 -8.66 11.16 24.98
N THR B 394 -9.47 10.19 24.59
CA THR B 394 -9.07 8.79 24.63
C THR B 394 -7.75 8.61 23.89
N LEU B 395 -6.94 7.68 24.37
CA LEU B 395 -5.71 7.35 23.65
C LEU B 395 -6.03 6.64 22.35
N ALA B 396 -5.14 6.81 21.40
CA ALA B 396 -5.11 5.97 20.23
C ALA B 396 -3.87 5.08 20.43
N MET B 397 -3.80 3.95 19.73
CA MET B 397 -2.65 3.10 19.90
C MET B 397 -1.38 3.68 19.27
N ASP B 398 -1.55 4.73 18.46
CA ASP B 398 -0.40 5.51 17.93
C ASP B 398 0.12 6.50 18.96
N ASP B 399 -0.67 6.76 20.00
CA ASP B 399 -0.18 7.59 21.10
C ASP B 399 1.01 6.94 21.80
N VAL B 400 1.03 5.61 21.82
CA VAL B 400 2.09 4.88 22.48
C VAL B 400 3.42 5.11 21.75
N ASP B 401 3.41 4.97 20.43
CA ASP B 401 4.60 5.27 19.63
C ASP B 401 4.96 6.73 19.70
N ARG B 402 3.99 7.63 19.83
CA ARG B 402 4.38 9.04 19.85
C ARG B 402 5.14 9.38 21.11
N VAL B 403 4.54 9.01 22.23
CA VAL B 403 5.12 9.18 23.55
C VAL B 403 6.54 8.58 23.64
N LEU B 404 6.80 7.52 22.88
CA LEU B 404 8.12 6.86 22.89
C LEU B 404 9.10 7.37 21.81
N ARG B 405 8.66 8.31 20.98
CA ARG B 405 9.48 8.73 19.85
C ARG B 405 10.90 9.18 20.22
N GLU B 406 11.06 9.80 21.38
CA GLU B 406 12.34 10.39 21.74
C GLU B 406 13.39 9.37 22.20
N TYR B 407 12.99 8.12 22.44
CA TYR B 407 13.88 7.11 23.02
C TYR B 407 14.48 6.15 22.01
N HIS B 408 15.66 5.61 22.35
CA HIS B 408 16.45 4.81 21.43
C HIS B 408 16.82 3.45 21.98
N ALA B 409 17.16 2.54 21.09
CA ALA B 409 17.64 1.20 21.46
C ALA B 409 19.07 1.23 22.02
CO CO C . -6.34 -13.28 6.91
NA NA D . -12.84 -23.21 -16.44
C1 AKG E . -6.04 -15.87 6.31
O1 AKG E . -5.25 -14.91 6.53
O2 AKG E . -5.71 -16.85 5.60
C2 AKG E . -7.27 -15.80 6.86
O5 AKG E . -7.52 -14.80 7.54
C3 AKG E . -8.31 -16.89 6.63
C4 AKG E . -9.03 -16.54 5.31
C5 AKG E . -9.77 -17.70 4.63
O3 AKG E . -10.76 -18.21 5.18
O4 AKG E . -9.38 -18.14 3.52
CO CO F . 6.49 12.65 -7.95
NA NA G . 18.42 -3.33 -25.04
C1 AKG H . 6.65 13.16 -10.63
O1 AKG H . 5.73 12.82 -9.82
O2 AKG H . 6.57 12.98 -11.88
C2 AKG H . 7.74 13.73 -10.13
O5 AKG H . 7.77 13.87 -8.91
C3 AKG H . 8.91 14.14 -10.99
C4 AKG H . 9.99 13.05 -10.90
C5 AKG H . 10.70 12.72 -12.22
O3 AKG H . 11.44 13.58 -12.76
O4 AKG H . 10.54 11.60 -12.74
#